data_8SMQ
#
_entry.id   8SMQ
#
_cell.length_a   149.797
_cell.length_b   81.302
_cell.length_c   93.751
_cell.angle_alpha   90.00
_cell.angle_beta   128.81
_cell.angle_gamma   90.00
#
_symmetry.space_group_name_H-M   'C 1 2 1'
#
loop_
_entity.id
_entity.type
_entity.pdbx_description
1 polymer 'hypothetical protein CD630_25440'
2 non-polymer 'CHLORIDE ION'
3 non-polymer 1,2-ETHANEDIOL
4 non-polymer GLYCEROL
5 water water
#
_entity_poly.entity_id   1
_entity_poly.type   'polypeptide(L)'
_entity_poly.pdbx_seq_one_letter_code
;SNADKILDLSFKKIETDLSSKITYEDTGVKIETDSSKSDKERYLYIYQNIKENWS(MSE)YNNFYIEIQNKNKSSQKINL
SIQSKN(MSE)FEFRLKEGSEVFLEGKNIIYSDKIKEG(OCS)IEVPGEFEGKIYVNFNSLINEESNVVLDSN(MSE)LS
NIVSWGITFIPSDEEHNIVIIKKISLLSE
;
_entity_poly.pdbx_strand_id   A,B,C,D
#
loop_
_chem_comp.id
_chem_comp.type
_chem_comp.name
_chem_comp.formula
CL non-polymer 'CHLORIDE ION' 'Cl -1'
EDO non-polymer 1,2-ETHANEDIOL 'C2 H6 O2'
GOL non-polymer GLYCEROL 'C3 H8 O3'
#
# COMPACT_ATOMS: atom_id res chain seq x y z
N ALA A 3 23.31 21.40 -6.51
CA ALA A 3 21.93 21.66 -6.00
C ALA A 3 21.91 21.53 -4.47
N ASP A 4 22.64 22.44 -3.80
CA ASP A 4 22.70 22.45 -2.35
C ASP A 4 21.37 22.89 -1.77
N LYS A 5 20.84 22.12 -0.81
CA LYS A 5 19.58 22.41 -0.16
C LYS A 5 19.86 23.12 1.17
N ILE A 6 19.40 24.37 1.28
CA ILE A 6 19.57 25.15 2.50
C ILE A 6 18.43 24.80 3.46
N LEU A 7 18.79 24.45 4.69
CA LEU A 7 17.81 24.06 5.70
C LEU A 7 17.33 25.30 6.46
N ASP A 8 16.01 25.42 6.63
CA ASP A 8 15.42 26.55 7.35
C ASP A 8 15.83 26.47 8.81
N LEU A 9 16.34 27.59 9.34
CA LEU A 9 16.80 27.68 10.71
C LEU A 9 15.73 28.34 11.59
N SER A 10 14.86 27.53 12.19
CA SER A 10 13.83 28.04 13.08
C SER A 10 14.19 27.68 14.52
N PHE A 11 14.06 28.65 15.44
CA PHE A 11 14.42 28.43 16.83
C PHE A 11 13.21 28.50 17.76
N LYS A 12 12.10 27.90 17.32
CA LYS A 12 10.87 27.89 18.11
C LYS A 12 10.82 26.67 19.02
N LYS A 13 11.52 25.59 18.61
CA LYS A 13 11.48 24.32 19.33
C LYS A 13 12.84 24.07 19.98
N ILE A 14 12.90 24.24 21.30
CA ILE A 14 14.15 24.10 22.03
C ILE A 14 13.98 23.38 23.37
N GLU A 15 14.75 22.29 23.53
CA GLU A 15 14.82 21.57 24.79
C GLU A 15 16.16 21.96 25.37
N THR A 16 16.18 22.55 26.57
CA THR A 16 17.41 23.04 27.15
C THR A 16 17.36 23.05 28.68
N ASP A 17 18.49 23.42 29.29
CA ASP A 17 18.62 23.54 30.73
C ASP A 17 19.52 24.74 31.03
N LEU A 18 19.54 25.69 30.07
CA LEU A 18 20.32 26.91 30.12
C LEU A 18 19.42 28.08 29.79
N SER A 19 19.99 29.30 29.88
CA SER A 19 19.30 30.52 29.46
C SER A 19 20.10 31.03 28.27
N SER A 20 19.45 31.67 27.29
CA SER A 20 20.16 32.12 26.11
C SER A 20 19.49 33.31 25.42
N LYS A 21 20.25 33.93 24.52
CA LYS A 21 19.80 35.06 23.72
C LYS A 21 20.17 34.76 22.26
N ILE A 22 19.14 34.53 21.43
CA ILE A 22 19.30 34.21 20.02
C ILE A 22 18.95 35.44 19.19
N THR A 23 19.87 35.84 18.28
CA THR A 23 19.68 37.03 17.47
C THR A 23 19.95 36.75 15.98
N TYR A 24 18.97 37.06 15.14
CA TYR A 24 19.14 36.91 13.70
C TYR A 24 19.92 38.10 13.16
N GLU A 25 20.87 37.82 12.26
CA GLU A 25 21.70 38.85 11.64
C GLU A 25 21.49 38.77 10.12
N ASP A 26 22.28 39.53 9.35
CA ASP A 26 22.16 39.51 7.91
C ASP A 26 22.05 38.07 7.44
N THR A 27 22.96 37.23 7.95
CA THR A 27 22.98 35.80 7.63
C THR A 27 23.13 35.02 8.92
N GLY A 28 22.54 33.82 8.94
CA GLY A 28 22.61 32.94 10.11
C GLY A 28 22.00 33.54 11.37
N VAL A 29 22.52 33.11 12.52
CA VAL A 29 22.00 33.57 13.79
C VAL A 29 23.04 33.40 14.89
N LYS A 30 23.10 34.37 15.81
CA LYS A 30 24.01 34.35 16.94
C LYS A 30 23.32 33.63 18.10
N ILE A 31 24.05 32.72 18.75
CA ILE A 31 23.54 31.95 19.86
C ILE A 31 24.44 32.18 21.07
N GLU A 32 23.87 32.85 22.10
CA GLU A 32 24.59 33.17 23.31
C GLU A 32 24.00 32.34 24.46
N THR A 33 24.84 31.63 25.19
CA THR A 33 24.37 30.82 26.31
C THR A 33 25.10 31.24 27.58
N ASP A 34 24.38 31.16 28.71
CA ASP A 34 24.91 31.45 30.04
C ASP A 34 24.63 30.22 30.89
N SER A 35 25.72 29.59 31.36
CA SER A 35 25.66 28.37 32.15
C SER A 35 26.80 28.36 33.18
N SER A 36 27.27 27.16 33.55
CA SER A 36 28.34 27.08 34.54
C SER A 36 29.26 25.88 34.26
N LYS A 37 30.46 25.95 34.83
CA LYS A 37 31.48 24.93 34.67
C LYS A 37 31.03 23.63 35.34
N SER A 38 30.33 23.75 36.46
CA SER A 38 29.87 22.62 37.25
C SER A 38 28.85 21.75 36.49
N ASP A 39 27.86 22.38 35.87
CA ASP A 39 26.82 21.65 35.15
C ASP A 39 27.43 20.89 33.97
N LYS A 40 27.59 19.57 34.14
CA LYS A 40 28.16 18.72 33.09
C LYS A 40 27.05 18.07 32.27
N GLU A 41 25.81 18.57 32.41
CA GLU A 41 24.69 18.04 31.66
C GLU A 41 24.15 19.12 30.72
N ARG A 42 24.79 20.30 30.80
CA ARG A 42 24.45 21.49 30.02
C ARG A 42 24.27 21.17 28.53
N TYR A 43 23.22 21.75 27.92
CA TYR A 43 22.94 21.55 26.51
C TYR A 43 21.86 22.51 26.03
N LEU A 44 21.81 22.74 24.71
CA LEU A 44 20.80 23.57 24.07
C LEU A 44 20.42 22.91 22.75
N TYR A 45 19.49 21.95 22.82
CA TYR A 45 19.02 21.21 21.67
C TYR A 45 18.03 22.08 20.90
N ILE A 46 18.25 22.19 19.57
CA ILE A 46 17.42 22.99 18.69
C ILE A 46 17.04 22.08 17.52
N TYR A 47 15.72 21.86 17.30
CA TYR A 47 15.30 20.98 16.24
C TYR A 47 14.13 21.56 15.46
N GLN A 48 13.79 20.87 14.36
CA GLN A 48 12.70 21.27 13.47
C GLN A 48 11.89 20.04 13.12
N ASN A 49 10.60 20.25 12.82
CA ASN A 49 9.70 19.20 12.38
C ASN A 49 9.49 19.40 10.89
N ILE A 50 9.76 18.36 10.10
CA ILE A 50 9.65 18.46 8.65
C ILE A 50 9.01 17.19 8.08
N LYS A 51 8.97 17.14 6.75
CA LYS A 51 8.47 15.99 6.02
C LYS A 51 9.08 16.07 4.63
N GLU A 52 10.37 15.77 4.54
CA GLU A 52 11.12 15.88 3.30
C GLU A 52 11.84 14.58 2.96
N ASN A 53 12.17 14.44 1.68
CA ASN A 53 12.92 13.31 1.15
C ASN A 53 14.36 13.80 0.98
N TRP A 54 15.32 13.13 1.65
CA TRP A 54 16.71 13.53 1.58
C TRP A 54 17.59 12.46 0.92
N SER A 55 16.99 11.60 0.09
CA SER A 55 17.73 10.54 -0.56
C SER A 55 18.69 11.06 -1.64
N MSE A 56 18.51 12.32 -2.07
CA MSE A 56 19.33 12.88 -3.13
C MSE A 56 20.52 13.69 -2.57
O MSE A 56 21.20 14.36 -3.32
CB MSE A 56 18.48 13.77 -4.05
CG MSE A 56 17.95 15.05 -3.41
SE MSE A 56 16.26 14.81 -2.42
CE MSE A 56 15.32 13.63 -3.68
N TYR A 57 20.75 13.59 -1.25
CA TYR A 57 21.85 14.32 -0.62
C TYR A 57 22.76 13.31 0.07
N ASN A 58 24.02 13.68 0.28
CA ASN A 58 24.96 12.77 0.92
C ASN A 58 25.62 13.37 2.16
N ASN A 59 25.36 14.65 2.49
CA ASN A 59 26.02 15.14 3.69
C ASN A 59 25.51 16.50 4.17
N PHE A 60 25.84 16.76 5.44
CA PHE A 60 25.61 18.01 6.14
C PHE A 60 26.85 18.88 6.00
N TYR A 61 26.59 20.18 5.80
CA TYR A 61 27.63 21.18 5.67
C TYR A 61 27.17 22.28 6.63
N ILE A 62 27.85 22.38 7.78
CA ILE A 62 27.49 23.30 8.83
C ILE A 62 28.49 24.45 8.94
N GLU A 63 28.07 25.64 8.50
N GLU A 63 28.05 25.64 8.52
CA GLU A 63 28.89 26.83 8.55
CA GLU A 63 28.88 26.83 8.55
C GLU A 63 28.69 27.47 9.93
C GLU A 63 28.69 27.47 9.93
N ILE A 64 29.59 27.13 10.85
CA ILE A 64 29.52 27.62 12.23
C ILE A 64 30.77 28.42 12.58
N GLN A 65 30.61 29.32 13.55
CA GLN A 65 31.69 30.15 14.05
C GLN A 65 31.63 30.20 15.58
N ASN A 66 32.78 29.93 16.20
CA ASN A 66 32.93 29.96 17.64
C ASN A 66 33.64 31.26 18.03
N LYS A 67 32.98 32.06 18.87
CA LYS A 67 33.52 33.33 19.34
C LYS A 67 34.33 33.18 20.63
N ASN A 68 34.43 31.97 21.19
CA ASN A 68 35.20 31.81 22.41
C ASN A 68 36.54 31.14 22.10
N LYS A 69 37.53 31.40 22.97
CA LYS A 69 38.86 30.84 22.82
C LYS A 69 38.84 29.35 23.17
N SER A 70 37.89 28.95 24.01
CA SER A 70 37.74 27.56 24.40
C SER A 70 36.93 26.83 23.33
N SER A 71 37.21 25.54 23.16
CA SER A 71 36.51 24.75 22.16
C SER A 71 35.08 24.46 22.58
N GLN A 72 34.16 24.53 21.61
CA GLN A 72 32.75 24.23 21.80
C GLN A 72 32.53 22.77 21.43
N LYS A 73 31.26 22.35 21.44
CA LYS A 73 30.87 21.00 21.07
C LYS A 73 29.48 21.06 20.44
N ILE A 74 29.27 20.29 19.36
CA ILE A 74 27.97 20.22 18.72
C ILE A 74 27.74 18.80 18.22
N ASN A 75 26.47 18.41 18.15
CA ASN A 75 26.13 17.09 17.64
C ASN A 75 24.81 17.20 16.88
N LEU A 76 24.55 16.17 16.07
CA LEU A 76 23.37 16.09 15.24
C LEU A 76 22.51 14.89 15.63
N SER A 77 21.23 15.00 15.28
CA SER A 77 20.22 13.97 15.52
C SER A 77 19.13 14.13 14.47
N ILE A 78 18.86 13.05 13.72
CA ILE A 78 17.85 13.05 12.66
C ILE A 78 16.84 11.95 12.95
N GLN A 79 15.57 12.16 12.57
CA GLN A 79 14.54 11.15 12.80
C GLN A 79 13.81 10.87 11.49
N SER A 80 13.57 9.57 11.26
CA SER A 80 12.87 9.07 10.08
C SER A 80 11.70 8.18 10.51
N LYS A 81 10.60 8.21 9.73
CA LYS A 81 9.41 7.42 10.01
C LYS A 81 8.92 7.59 11.44
N ASN A 82 9.07 8.80 12.00
CA ASN A 82 8.61 9.09 13.34
C ASN A 82 9.03 7.98 14.31
N MSE A 83 10.19 7.34 14.03
CA MSE A 83 10.65 6.26 14.87
C MSE A 83 12.18 6.25 14.97
O MSE A 83 12.74 6.52 16.03
CB MSE A 83 10.24 4.90 14.28
CG MSE A 83 8.76 4.59 14.33
SE MSE A 83 8.37 3.15 13.06
CE MSE A 83 9.74 1.87 13.64
N PHE A 84 12.82 5.94 13.83
CA PHE A 84 14.27 5.82 13.75
C PHE A 84 14.96 7.16 14.00
N GLU A 85 15.82 7.18 15.03
CA GLU A 85 16.57 8.37 15.38
C GLU A 85 18.03 8.10 15.04
N PHE A 86 18.67 9.01 14.30
CA PHE A 86 20.06 8.83 13.91
C PHE A 86 20.94 9.85 14.63
N ARG A 87 22.05 9.36 15.21
CA ARG A 87 22.99 10.18 15.95
C ARG A 87 24.39 10.01 15.34
N LEU A 88 25.32 10.90 15.70
CA LEU A 88 26.69 10.82 15.23
C LEU A 88 27.31 9.48 15.62
N LYS A 89 27.84 8.76 14.62
CA LYS A 89 28.47 7.48 14.84
C LYS A 89 29.85 7.71 15.46
N GLU A 90 30.07 7.10 16.63
CA GLU A 90 31.31 7.25 17.38
C GLU A 90 32.48 6.72 16.54
N GLY A 91 33.51 7.56 16.36
CA GLY A 91 34.71 7.17 15.63
C GLY A 91 34.72 7.64 14.18
N SER A 92 33.53 7.93 13.62
CA SER A 92 33.44 8.37 12.24
C SER A 92 34.18 9.69 12.04
N GLU A 93 34.74 9.86 10.84
CA GLU A 93 35.53 11.03 10.48
C GLU A 93 34.64 12.18 10.00
N VAL A 94 34.93 13.39 10.50
CA VAL A 94 34.25 14.61 10.08
C VAL A 94 35.35 15.57 9.64
N PHE A 95 35.01 16.56 8.81
CA PHE A 95 36.00 17.48 8.27
C PHE A 95 35.64 18.92 8.63
N LEU A 96 36.60 19.61 9.26
CA LEU A 96 36.42 20.97 9.70
C LEU A 96 37.38 21.87 8.91
N GLU A 97 36.80 22.86 8.22
CA GLU A 97 37.57 23.81 7.44
C GLU A 97 37.54 25.18 8.10
N GLY A 98 38.69 25.57 8.68
CA GLY A 98 38.85 26.86 9.34
C GLY A 98 39.33 27.91 8.35
N LYS A 99 39.77 29.06 8.89
CA LYS A 99 40.23 30.17 8.06
C LYS A 99 41.44 29.77 7.21
N ASN A 100 42.35 28.97 7.77
CA ASN A 100 43.55 28.60 7.02
C ASN A 100 43.75 27.09 6.96
N ILE A 101 43.14 26.33 7.87
CA ILE A 101 43.39 24.90 7.87
C ILE A 101 42.09 24.08 7.81
N ILE A 102 42.19 22.95 7.10
CA ILE A 102 41.13 21.98 7.00
C ILE A 102 41.74 20.67 7.51
N TYR A 103 41.06 20.00 8.43
CA TYR A 103 41.58 18.77 9.00
C TYR A 103 40.46 17.79 9.33
N SER A 104 40.86 16.54 9.53
CA SER A 104 39.96 15.46 9.88
C SER A 104 40.00 15.24 11.39
N ASP A 105 38.81 15.06 11.97
CA ASP A 105 38.69 14.81 13.40
C ASP A 105 37.57 13.78 13.55
N LYS A 106 37.79 12.81 14.45
CA LYS A 106 36.80 11.75 14.66
C LYS A 106 35.79 12.18 15.71
N ILE A 107 34.56 11.68 15.55
CA ILE A 107 33.49 11.92 16.50
C ILE A 107 33.87 11.26 17.81
N LYS A 108 33.89 12.08 18.87
CA LYS A 108 34.25 11.64 20.21
C LYS A 108 33.09 11.88 21.17
N GLU A 109 32.76 10.84 21.96
CA GLU A 109 31.69 10.89 22.94
C GLU A 109 30.43 11.46 22.31
N GLY A 110 30.19 11.07 21.05
CA GLY A 110 29.03 11.50 20.27
C GLY A 110 29.07 12.97 19.85
N OCS A 111 30.21 13.65 20.01
CA OCS A 111 30.26 15.08 19.69
CB OCS A 111 30.38 15.92 20.98
SG OCS A 111 28.92 15.99 21.96
C OCS A 111 31.40 15.47 18.74
O OCS A 111 32.34 14.70 18.52
OD1 OCS A 111 28.42 14.56 22.25
OD2 OCS A 111 29.32 16.64 23.18
OD3 OCS A 111 27.91 16.62 21.14
N ILE A 112 31.30 16.69 18.21
CA ILE A 112 32.26 17.31 17.31
C ILE A 112 32.91 18.49 18.05
N GLU A 113 34.23 18.45 18.24
CA GLU A 113 34.91 19.56 18.91
C GLU A 113 35.04 20.75 17.95
N VAL A 114 34.61 21.94 18.42
CA VAL A 114 34.69 23.15 17.63
C VAL A 114 35.72 24.06 18.31
N PRO A 115 36.99 24.07 17.85
CA PRO A 115 38.05 24.84 18.51
C PRO A 115 37.82 26.34 18.67
N GLY A 116 38.61 26.95 19.56
CA GLY A 116 38.52 28.37 19.81
C GLY A 116 38.73 29.20 18.54
N GLU A 117 37.89 30.21 18.37
CA GLU A 117 37.91 31.13 17.23
C GLU A 117 37.66 30.40 15.90
N PHE A 118 37.29 29.12 15.94
CA PHE A 118 36.99 28.46 14.68
C PHE A 118 35.95 29.30 13.94
N GLU A 119 36.16 29.50 12.65
CA GLU A 119 35.25 30.27 11.82
C GLU A 119 35.27 29.60 10.45
N GLY A 120 34.42 28.60 10.27
CA GLY A 120 34.41 27.89 9.01
C GLY A 120 33.21 26.97 8.85
N LYS A 121 33.42 25.90 8.08
CA LYS A 121 32.36 24.97 7.76
C LYS A 121 32.72 23.57 8.25
N ILE A 122 31.70 22.76 8.52
CA ILE A 122 31.89 21.40 8.99
C ILE A 122 31.15 20.45 8.05
N TYR A 123 31.87 19.41 7.64
CA TYR A 123 31.39 18.36 6.75
C TYR A 123 31.14 17.08 7.54
N VAL A 124 29.88 16.62 7.52
CA VAL A 124 29.45 15.41 8.18
C VAL A 124 28.65 14.58 7.17
N ASN A 125 29.22 13.46 6.70
CA ASN A 125 28.56 12.63 5.71
C ASN A 125 27.43 11.85 6.39
N PHE A 126 26.37 11.53 5.64
CA PHE A 126 25.24 10.81 6.21
C PHE A 126 25.62 9.40 6.66
N ASN A 127 26.74 8.87 6.16
CA ASN A 127 27.14 7.55 6.62
C ASN A 127 27.79 7.69 8.00
N SER A 128 27.77 8.92 8.53
CA SER A 128 28.33 9.20 9.86
C SER A 128 27.20 9.26 10.90
N LEU A 129 25.94 9.17 10.46
CA LEU A 129 24.83 9.16 11.41
C LEU A 129 24.22 7.77 11.39
N ILE A 130 24.04 7.19 12.58
CA ILE A 130 23.56 5.82 12.66
C ILE A 130 22.46 5.67 13.70
N ASN A 131 21.57 4.71 13.42
CA ASN A 131 20.50 4.30 14.30
C ASN A 131 21.06 3.15 15.13
N GLU A 132 21.35 3.43 16.41
CA GLU A 132 21.96 2.49 17.32
C GLU A 132 21.31 1.09 17.27
N GLU A 133 20.03 1.01 17.63
CA GLU A 133 19.29 -0.25 17.69
C GLU A 133 19.47 -1.12 16.44
N SER A 134 19.27 -0.54 15.25
CA SER A 134 19.35 -1.29 14.01
C SER A 134 20.76 -1.32 13.42
N ASN A 135 21.58 -0.33 13.77
CA ASN A 135 22.94 -0.22 13.26
C ASN A 135 22.88 0.22 11.81
N VAL A 136 21.71 0.72 11.38
CA VAL A 136 21.50 1.17 10.01
C VAL A 136 21.94 2.63 9.88
N VAL A 137 22.88 2.90 8.96
CA VAL A 137 23.35 4.26 8.74
C VAL A 137 22.31 4.99 7.90
N LEU A 138 22.20 6.30 8.10
CA LEU A 138 21.20 7.16 7.48
C LEU A 138 21.11 7.03 5.95
N ASP A 139 22.19 6.64 5.25
CA ASP A 139 22.07 6.58 3.80
C ASP A 139 21.82 5.15 3.32
N SER A 140 21.45 4.25 4.23
CA SER A 140 21.23 2.87 3.85
C SER A 140 19.79 2.44 4.13
N ASN A 141 19.56 1.12 4.15
CA ASN A 141 18.25 0.54 4.41
C ASN A 141 18.43 -0.66 5.34
N MSE A 142 17.30 -1.25 5.75
CA MSE A 142 17.29 -2.39 6.67
C MSE A 142 18.04 -3.59 6.10
O MSE A 142 18.50 -4.43 6.87
CB MSE A 142 15.83 -2.74 7.02
CG MSE A 142 15.10 -1.65 7.79
SE MSE A 142 15.74 -1.47 9.64
CE MSE A 142 16.01 0.47 9.68
N LEU A 143 18.13 -3.69 4.77
CA LEU A 143 18.87 -4.77 4.13
C LEU A 143 20.35 -4.70 4.50
N SER A 144 20.79 -3.55 5.04
CA SER A 144 22.18 -3.38 5.39
C SER A 144 22.60 -4.30 6.54
N ASN A 145 21.64 -4.72 7.36
CA ASN A 145 21.98 -5.59 8.49
C ASN A 145 20.94 -6.71 8.66
N ILE A 146 21.03 -7.72 7.79
CA ILE A 146 20.15 -8.87 7.85
C ILE A 146 20.78 -9.89 8.79
N VAL A 147 19.99 -10.38 9.76
CA VAL A 147 20.49 -11.34 10.73
C VAL A 147 19.78 -12.67 10.59
N SER A 148 18.66 -12.72 9.84
CA SER A 148 17.95 -13.98 9.71
C SER A 148 17.02 -13.98 8.49
N TRP A 149 16.98 -15.14 7.81
CA TRP A 149 16.11 -15.37 6.67
C TRP A 149 15.51 -16.76 6.83
N GLY A 150 14.24 -16.92 6.45
CA GLY A 150 13.60 -18.23 6.57
C GLY A 150 12.38 -18.38 5.68
N ILE A 151 11.87 -19.62 5.64
CA ILE A 151 10.70 -19.97 4.85
C ILE A 151 9.72 -20.72 5.76
N THR A 152 8.46 -20.29 5.74
CA THR A 152 7.42 -20.96 6.49
C THR A 152 6.62 -21.79 5.49
N PHE A 153 6.39 -23.06 5.83
CA PHE A 153 5.69 -23.99 4.95
C PHE A 153 4.42 -24.48 5.65
N ILE A 154 3.29 -24.34 4.94
CA ILE A 154 2.01 -24.81 5.42
C ILE A 154 1.59 -25.93 4.47
N PRO A 155 1.81 -27.21 4.84
CA PRO A 155 1.46 -28.35 3.98
C PRO A 155 -0.03 -28.47 3.68
N SER A 156 -0.33 -29.07 2.53
CA SER A 156 -1.69 -29.29 2.08
C SER A 156 -2.40 -30.26 3.04
N ASP A 157 -3.68 -30.54 2.75
CA ASP A 157 -4.46 -31.47 3.55
C ASP A 157 -3.94 -32.90 3.38
N GLU A 158 -3.04 -33.13 2.41
CA GLU A 158 -2.48 -34.48 2.25
C GLU A 158 -1.66 -34.78 3.49
N GLU A 159 -1.67 -36.05 3.89
CA GLU A 159 -0.97 -36.49 5.10
C GLU A 159 0.53 -36.27 4.95
N HIS A 160 1.10 -36.68 3.81
CA HIS A 160 2.53 -36.52 3.59
C HIS A 160 2.79 -35.58 2.41
N ASN A 161 3.53 -34.50 2.68
CA ASN A 161 3.87 -33.55 1.63
C ASN A 161 5.37 -33.52 1.43
N ILE A 162 5.78 -33.18 0.20
CA ILE A 162 7.18 -33.08 -0.14
C ILE A 162 7.40 -31.93 -1.11
N VAL A 163 8.32 -31.03 -0.75
CA VAL A 163 8.72 -29.94 -1.60
C VAL A 163 10.23 -30.08 -1.78
N ILE A 164 10.70 -29.77 -2.98
CA ILE A 164 12.11 -29.84 -3.33
C ILE A 164 12.60 -28.43 -3.63
N ILE A 165 13.56 -27.94 -2.83
CA ILE A 165 14.13 -26.62 -3.06
C ILE A 165 15.51 -26.78 -3.68
N LYS A 166 15.59 -26.56 -5.00
CA LYS A 166 16.83 -26.69 -5.74
C LYS A 166 17.75 -25.50 -5.54
N LYS A 167 17.19 -24.29 -5.50
CA LYS A 167 18.06 -23.13 -5.36
C LYS A 167 17.31 -21.89 -4.90
N ILE A 168 18.03 -21.09 -4.10
CA ILE A 168 17.58 -19.82 -3.57
C ILE A 168 18.73 -18.84 -3.77
N SER A 169 18.44 -17.69 -4.38
CA SER A 169 19.46 -16.69 -4.60
C SER A 169 18.86 -15.29 -4.53
N LEU A 170 19.75 -14.28 -4.47
CA LEU A 170 19.38 -12.88 -4.41
C LEU A 170 19.79 -12.23 -5.72
N LEU A 171 18.80 -11.68 -6.45
CA LEU A 171 19.06 -11.05 -7.74
C LEU A 171 19.19 -9.54 -7.56
N SER A 172 19.90 -8.93 -8.52
CA SER A 172 20.11 -7.49 -8.53
C SER A 172 20.13 -7.00 -9.97
N GLU A 173 19.40 -5.91 -10.24
CA GLU A 173 19.32 -5.35 -11.59
C GLU A 173 20.70 -4.82 -11.99
N ASP B 4 24.87 -12.32 -8.49
CA ASP B 4 23.85 -13.11 -7.74
C ASP B 4 24.52 -13.84 -6.57
N LYS B 5 23.79 -13.97 -5.47
CA LYS B 5 24.31 -14.63 -4.28
C LYS B 5 23.50 -15.90 -4.02
N ILE B 6 24.19 -17.06 -4.04
CA ILE B 6 23.55 -18.34 -3.79
C ILE B 6 23.50 -18.55 -2.28
N LEU B 7 22.30 -18.43 -1.71
CA LEU B 7 22.13 -18.62 -0.28
C LEU B 7 22.46 -20.06 0.06
N ASP B 8 23.15 -20.26 1.19
CA ASP B 8 23.51 -21.58 1.66
C ASP B 8 22.25 -22.22 2.25
N LEU B 9 21.85 -23.37 1.69
CA LEU B 9 20.66 -24.06 2.18
C LEU B 9 21.04 -24.94 3.37
N SER B 10 21.16 -24.28 4.54
CA SER B 10 21.45 -24.92 5.81
C SER B 10 20.48 -24.33 6.82
N PHE B 11 19.65 -25.17 7.43
CA PHE B 11 18.61 -24.61 8.27
C PHE B 11 18.47 -25.23 9.66
N LYS B 12 17.75 -24.46 10.49
CA LYS B 12 17.27 -24.83 11.81
C LYS B 12 15.76 -24.87 11.59
N LYS B 13 15.02 -25.61 12.42
CA LYS B 13 13.60 -25.69 12.13
C LYS B 13 12.70 -25.65 13.37
N ILE B 14 11.49 -25.15 13.15
CA ILE B 14 10.43 -25.11 14.14
C ILE B 14 9.28 -25.87 13.49
N GLU B 15 8.68 -26.80 14.23
CA GLU B 15 7.60 -27.64 13.76
C GLU B 15 6.34 -27.37 14.55
N THR B 16 5.21 -27.11 13.88
CA THR B 16 3.99 -26.87 14.62
C THR B 16 2.89 -27.79 14.11
N ASP B 17 2.52 -28.76 14.97
CA ASP B 17 1.48 -29.72 14.66
C ASP B 17 1.86 -30.53 13.42
N LEU B 18 3.12 -30.98 13.36
CA LEU B 18 3.61 -31.79 12.26
C LEU B 18 5.05 -32.24 12.52
N SER B 19 5.45 -33.34 11.88
CA SER B 19 6.80 -33.84 11.96
C SER B 19 7.40 -33.73 10.56
N SER B 20 8.73 -33.63 10.48
CA SER B 20 9.38 -33.46 9.20
C SER B 20 10.81 -33.99 9.18
N LYS B 21 11.31 -34.16 7.96
CA LYS B 21 12.66 -34.60 7.65
C LYS B 21 13.23 -33.66 6.59
N ILE B 22 14.46 -33.22 6.80
CA ILE B 22 15.13 -32.34 5.87
C ILE B 22 16.39 -33.05 5.36
N THR B 23 16.30 -33.59 4.14
CA THR B 23 17.42 -34.28 3.53
C THR B 23 18.08 -33.32 2.55
N TYR B 24 19.42 -33.27 2.57
CA TYR B 24 20.17 -32.40 1.69
C TYR B 24 20.77 -33.24 0.56
N GLU B 25 20.09 -33.24 -0.58
CA GLU B 25 20.52 -34.00 -1.75
C GLU B 25 21.36 -33.11 -2.66
N ASP B 26 21.89 -33.71 -3.73
CA ASP B 26 22.71 -33.00 -4.70
C ASP B 26 21.81 -32.13 -5.58
N THR B 27 20.52 -32.50 -5.65
CA THR B 27 19.54 -31.79 -6.45
C THR B 27 18.65 -30.92 -5.55
N GLY B 28 19.27 -30.28 -4.56
CA GLY B 28 18.55 -29.41 -3.64
C GLY B 28 18.21 -30.07 -2.31
N VAL B 29 17.36 -29.39 -1.53
CA VAL B 29 16.94 -29.86 -0.23
C VAL B 29 15.50 -30.35 -0.32
N LYS B 30 15.28 -31.61 0.12
CA LYS B 30 13.96 -32.22 0.12
C LYS B 30 13.33 -32.00 1.50
N ILE B 31 12.09 -31.50 1.49
CA ILE B 31 11.34 -31.24 2.71
C ILE B 31 10.12 -32.15 2.73
N GLU B 32 10.12 -33.08 3.70
CA GLU B 32 9.07 -34.05 3.88
C GLU B 32 8.32 -33.75 5.18
N THR B 33 6.99 -33.54 5.07
CA THR B 33 6.18 -33.28 6.23
C THR B 33 5.10 -34.35 6.38
N ASP B 34 4.84 -34.72 7.63
CA ASP B 34 3.81 -35.68 8.00
C ASP B 34 2.89 -34.94 8.98
N SER B 35 1.66 -34.65 8.55
CA SER B 35 0.72 -33.92 9.37
C SER B 35 -0.71 -34.41 9.14
N SER B 36 -1.66 -33.88 9.92
CA SER B 36 -3.06 -34.26 9.85
C SER B 36 -3.90 -33.15 9.22
N LYS B 37 -4.81 -33.56 8.34
CA LYS B 37 -5.73 -32.67 7.64
C LYS B 37 -6.55 -31.83 8.62
N SER B 38 -6.79 -32.37 9.82
CA SER B 38 -7.59 -31.68 10.82
C SER B 38 -6.80 -30.60 11.58
N ASP B 39 -5.49 -30.82 11.79
CA ASP B 39 -4.66 -29.85 12.51
C ASP B 39 -4.45 -28.63 11.61
N LYS B 40 -5.29 -27.60 11.79
CA LYS B 40 -5.26 -26.40 10.97
C LYS B 40 -4.12 -25.46 11.36
N GLU B 41 -3.39 -25.77 12.43
CA GLU B 41 -2.27 -24.92 12.85
C GLU B 41 -0.94 -25.49 12.33
N ARG B 42 -1.00 -26.44 11.39
CA ARG B 42 0.19 -27.03 10.81
C ARG B 42 1.11 -25.92 10.32
N TYR B 43 2.43 -26.08 10.51
CA TYR B 43 3.30 -25.00 10.09
C TYR B 43 4.75 -25.47 10.22
N LEU B 44 5.58 -25.27 9.17
CA LEU B 44 6.99 -25.63 9.23
C LEU B 44 7.84 -24.41 8.87
N TYR B 45 8.63 -23.97 9.85
CA TYR B 45 9.50 -22.83 9.69
C TYR B 45 10.96 -23.28 9.68
N ILE B 46 11.62 -23.06 8.54
CA ILE B 46 13.02 -23.38 8.35
C ILE B 46 13.74 -22.05 8.14
N TYR B 47 14.84 -21.84 8.89
CA TYR B 47 15.56 -20.58 8.79
C TYR B 47 17.06 -20.75 9.12
N GLN B 48 17.80 -19.67 8.84
CA GLN B 48 19.23 -19.62 9.12
C GLN B 48 19.55 -18.21 9.61
N ASN B 49 20.31 -18.12 10.71
CA ASN B 49 20.73 -16.86 11.31
C ASN B 49 22.11 -16.52 10.76
N ILE B 50 22.30 -15.25 10.40
CA ILE B 50 23.53 -14.76 9.81
C ILE B 50 23.77 -13.32 10.22
N LYS B 51 24.78 -12.70 9.57
CA LYS B 51 25.13 -11.31 9.76
C LYS B 51 25.73 -10.86 8.43
N GLU B 52 24.88 -10.35 7.54
CA GLU B 52 25.31 -9.93 6.22
C GLU B 52 24.62 -8.64 5.78
N ASN B 53 25.06 -8.14 4.62
CA ASN B 53 24.52 -6.94 4.01
C ASN B 53 23.96 -7.34 2.65
N TRP B 54 22.65 -7.15 2.47
CA TRP B 54 21.95 -7.49 1.24
C TRP B 54 21.44 -6.22 0.55
N SER B 55 22.08 -5.08 0.84
CA SER B 55 21.69 -3.81 0.26
C SER B 55 21.86 -3.84 -1.26
N MSE B 56 22.92 -4.50 -1.72
CA MSE B 56 23.23 -4.59 -3.14
C MSE B 56 22.26 -5.49 -3.91
O MSE B 56 22.35 -5.57 -5.13
CB MSE B 56 24.66 -5.11 -3.33
CG MSE B 56 24.90 -6.55 -2.90
SE MSE B 56 25.01 -6.78 -0.94
CE MSE B 56 26.38 -5.44 -0.54
N TYR B 57 21.34 -6.16 -3.20
CA TYR B 57 20.40 -7.05 -3.87
C TYR B 57 19.02 -6.41 -3.91
N ASN B 58 18.11 -6.98 -4.73
CA ASN B 58 16.77 -6.43 -4.86
C ASN B 58 15.67 -7.48 -4.92
N ASN B 59 15.98 -8.75 -5.23
CA ASN B 59 14.94 -9.77 -5.30
C ASN B 59 15.37 -11.10 -4.67
N PHE B 60 14.37 -11.93 -4.35
CA PHE B 60 14.55 -13.22 -3.73
C PHE B 60 14.13 -14.29 -4.74
N TYR B 61 15.11 -15.08 -5.22
CA TYR B 61 14.88 -16.13 -6.19
C TYR B 61 14.75 -17.48 -5.48
N ILE B 62 13.64 -18.18 -5.73
CA ILE B 62 13.35 -19.47 -5.13
C ILE B 62 12.79 -20.44 -6.18
N GLU B 63 13.62 -21.42 -6.55
CA GLU B 63 13.23 -22.46 -7.49
C GLU B 63 12.77 -23.64 -6.63
N ILE B 64 11.48 -24.00 -6.75
CA ILE B 64 10.94 -25.06 -5.93
C ILE B 64 10.02 -25.97 -6.75
N GLN B 65 9.89 -27.21 -6.26
CA GLN B 65 9.01 -28.20 -6.87
C GLN B 65 8.08 -28.77 -5.81
N ASN B 66 6.80 -28.83 -6.15
CA ASN B 66 5.78 -29.37 -5.27
C ASN B 66 5.50 -30.81 -5.72
N LYS B 67 5.77 -31.78 -4.82
CA LYS B 67 5.55 -33.19 -5.14
C LYS B 67 4.09 -33.62 -5.04
N ASN B 68 3.20 -32.76 -4.52
CA ASN B 68 1.82 -33.19 -4.37
C ASN B 68 0.94 -32.48 -5.38
N LYS B 69 -0.27 -33.04 -5.57
CA LYS B 69 -1.26 -32.49 -6.46
C LYS B 69 -1.95 -31.31 -5.77
N SER B 70 -1.97 -31.34 -4.44
CA SER B 70 -2.57 -30.29 -3.63
C SER B 70 -1.56 -29.16 -3.45
N SER B 71 -2.07 -27.92 -3.45
CA SER B 71 -1.22 -26.74 -3.31
C SER B 71 -0.59 -26.64 -1.92
N GLN B 72 0.58 -25.98 -1.88
CA GLN B 72 1.32 -25.73 -0.67
C GLN B 72 1.26 -24.23 -0.44
N LYS B 73 1.63 -23.78 0.77
CA LYS B 73 1.69 -22.36 1.06
C LYS B 73 3.04 -22.06 1.69
N ILE B 74 3.73 -21.04 1.17
CA ILE B 74 5.02 -20.62 1.68
C ILE B 74 4.98 -19.13 1.99
N ASN B 75 5.77 -18.74 2.99
CA ASN B 75 5.92 -17.35 3.39
C ASN B 75 7.40 -17.15 3.70
N LEU B 76 7.83 -15.88 3.67
CA LEU B 76 9.21 -15.50 3.93
C LEU B 76 9.27 -14.72 5.24
N SER B 77 10.43 -14.79 5.89
CA SER B 77 10.65 -14.04 7.12
C SER B 77 12.12 -13.63 7.18
N ILE B 78 12.37 -12.35 6.95
CA ILE B 78 13.71 -11.77 6.99
C ILE B 78 13.79 -10.84 8.19
N GLN B 79 14.82 -11.05 9.03
CA GLN B 79 14.99 -10.28 10.25
C GLN B 79 16.25 -9.42 10.22
N SER B 80 16.11 -8.19 10.75
CA SER B 80 17.19 -7.24 10.86
C SER B 80 17.62 -7.21 12.33
N LYS B 81 18.85 -6.77 12.61
CA LYS B 81 19.39 -6.82 13.96
C LYS B 81 18.45 -6.18 14.99
N ASN B 82 17.73 -5.12 14.62
CA ASN B 82 16.84 -4.46 15.58
C ASN B 82 15.66 -5.34 15.97
N MSE B 83 15.69 -6.62 15.56
CA MSE B 83 14.66 -7.59 15.87
C MSE B 83 13.39 -7.37 15.04
O MSE B 83 12.33 -7.87 15.38
CB MSE B 83 14.35 -7.60 17.37
CG MSE B 83 15.50 -8.10 18.24
SE MSE B 83 15.19 -9.95 18.88
CE MSE B 83 13.80 -9.55 20.22
N PHE B 84 13.51 -6.62 13.94
CA PHE B 84 12.36 -6.44 13.06
C PHE B 84 12.32 -7.62 12.09
N GLU B 85 11.15 -8.27 12.02
CA GLU B 85 10.94 -9.39 11.12
C GLU B 85 10.09 -8.87 9.96
N PHE B 86 10.56 -9.09 8.73
CA PHE B 86 9.84 -8.64 7.55
C PHE B 86 9.18 -9.85 6.90
N ARG B 87 7.92 -9.69 6.49
N ARG B 87 7.92 -9.68 6.48
CA ARG B 87 7.16 -10.75 5.86
CA ARG B 87 7.15 -10.75 5.88
C ARG B 87 6.49 -10.21 4.59
C ARG B 87 6.41 -10.20 4.66
N LEU B 88 5.92 -11.12 3.81
CA LEU B 88 5.21 -10.79 2.57
C LEU B 88 4.10 -9.78 2.82
N LYS B 89 4.06 -8.72 1.97
CA LYS B 89 3.08 -7.66 2.10
C LYS B 89 1.78 -8.09 1.42
N GLU B 90 0.66 -7.86 2.11
CA GLU B 90 -0.65 -8.26 1.61
C GLU B 90 -0.97 -7.46 0.35
N GLY B 91 -1.42 -8.16 -0.70
CA GLY B 91 -1.77 -7.53 -1.97
C GLY B 91 -0.58 -7.33 -2.90
N SER B 92 0.63 -7.69 -2.46
CA SER B 92 1.82 -7.54 -3.28
C SER B 92 1.79 -8.57 -4.41
N GLU B 93 2.68 -8.42 -5.38
CA GLU B 93 2.71 -9.30 -6.54
C GLU B 93 3.99 -10.15 -6.51
N VAL B 94 3.82 -11.43 -6.84
CA VAL B 94 4.92 -12.39 -6.90
C VAL B 94 4.78 -13.14 -8.22
N PHE B 95 5.91 -13.46 -8.85
CA PHE B 95 5.90 -14.12 -10.15
C PHE B 95 6.26 -15.60 -10.00
N LEU B 96 5.35 -16.48 -10.40
CA LEU B 96 5.58 -17.92 -10.37
C LEU B 96 5.64 -18.45 -11.79
N GLU B 97 6.85 -18.78 -12.23
CA GLU B 97 7.09 -19.27 -13.58
C GLU B 97 7.20 -20.80 -13.57
N GLY B 98 6.10 -21.47 -13.94
CA GLY B 98 6.06 -22.93 -14.03
C GLY B 98 6.30 -23.37 -15.47
N LYS B 99 6.38 -24.70 -15.69
CA LYS B 99 6.62 -25.21 -17.04
C LYS B 99 5.44 -24.93 -17.96
N ASN B 100 4.22 -25.25 -17.52
CA ASN B 100 3.04 -25.07 -18.36
C ASN B 100 2.39 -23.71 -18.15
N ILE B 101 2.43 -23.18 -16.91
CA ILE B 101 1.78 -21.90 -16.63
C ILE B 101 2.77 -20.94 -15.97
N ILE B 102 2.71 -19.68 -16.44
CA ILE B 102 3.55 -18.60 -15.94
C ILE B 102 2.61 -17.42 -15.69
N TYR B 103 2.76 -16.75 -14.53
CA TYR B 103 1.88 -15.63 -14.24
C TYR B 103 2.32 -14.84 -13.01
N SER B 104 1.74 -13.64 -12.88
CA SER B 104 1.97 -12.77 -11.74
C SER B 104 0.93 -13.17 -10.70
N ASP B 105 1.38 -13.48 -9.47
CA ASP B 105 0.46 -13.93 -8.44
C ASP B 105 0.40 -12.90 -7.32
N LYS B 106 -0.71 -12.96 -6.55
CA LYS B 106 -0.96 -12.07 -5.44
C LYS B 106 -0.70 -12.78 -4.12
N ILE B 107 -0.37 -12.02 -3.07
CA ILE B 107 -0.15 -12.57 -1.75
C ILE B 107 -1.53 -12.70 -1.10
N LYS B 108 -1.94 -13.95 -0.83
CA LYS B 108 -3.25 -14.24 -0.26
C LYS B 108 -3.09 -14.63 1.21
N GLU B 109 -3.63 -13.77 2.10
CA GLU B 109 -3.59 -13.99 3.53
C GLU B 109 -2.15 -14.03 4.03
N GLY B 110 -1.27 -13.30 3.32
CA GLY B 110 0.15 -13.22 3.68
C GLY B 110 0.97 -14.41 3.20
N OCS B 111 0.38 -15.31 2.41
CA OCS B 111 1.08 -16.48 1.92
CB OCS B 111 0.46 -17.77 2.44
SG OCS B 111 0.56 -18.00 4.20
C OCS B 111 1.11 -16.52 0.40
O OCS B 111 0.36 -15.81 -0.27
OD1 OCS B 111 -0.29 -19.12 4.49
OD2 OCS B 111 -0.08 -16.73 4.79
OD3 OCS B 111 1.95 -18.07 4.52
N ILE B 112 1.99 -17.38 -0.13
CA ILE B 112 2.14 -17.61 -1.56
C ILE B 112 1.61 -19.01 -1.85
N GLU B 113 0.65 -19.13 -2.76
CA GLU B 113 0.12 -20.43 -3.10
C GLU B 113 1.08 -21.10 -4.08
N VAL B 114 1.53 -22.31 -3.74
CA VAL B 114 2.42 -23.04 -4.62
C VAL B 114 1.55 -24.15 -5.23
N PRO B 115 1.13 -24.02 -6.50
CA PRO B 115 0.25 -25.03 -7.13
C PRO B 115 0.78 -26.46 -7.08
N GLY B 116 -0.14 -27.41 -7.27
CA GLY B 116 0.21 -28.82 -7.28
C GLY B 116 1.17 -29.15 -8.41
N GLU B 117 2.12 -30.05 -8.14
CA GLU B 117 3.09 -30.50 -9.12
C GLU B 117 3.88 -29.33 -9.70
N PHE B 118 3.79 -28.15 -9.08
CA PHE B 118 4.53 -27.00 -9.56
C PHE B 118 6.01 -27.36 -9.64
N GLU B 119 6.68 -26.88 -10.68
CA GLU B 119 8.10 -27.12 -10.83
C GLU B 119 8.64 -25.97 -11.67
N GLY B 120 8.95 -24.88 -10.99
CA GLY B 120 9.46 -23.69 -11.63
C GLY B 120 10.19 -22.79 -10.65
N LYS B 121 10.06 -21.48 -10.90
CA LYS B 121 10.71 -20.46 -10.11
C LYS B 121 9.68 -19.48 -9.57
N ILE B 122 9.98 -18.91 -8.41
CA ILE B 122 9.13 -17.92 -7.78
C ILE B 122 10.01 -16.70 -7.53
N TYR B 123 9.56 -15.53 -8.01
CA TYR B 123 10.30 -14.29 -7.86
C TYR B 123 9.59 -13.35 -6.90
N VAL B 124 10.32 -12.87 -5.89
CA VAL B 124 9.77 -11.97 -4.88
C VAL B 124 10.74 -10.81 -4.68
N ASN B 125 10.27 -9.60 -4.97
CA ASN B 125 11.06 -8.38 -4.82
C ASN B 125 11.12 -8.04 -3.33
N PHE B 126 12.22 -7.44 -2.87
CA PHE B 126 12.34 -7.09 -1.46
C PHE B 126 11.39 -5.97 -1.05
N ASN B 127 10.80 -5.26 -2.01
CA ASN B 127 9.87 -4.21 -1.65
C ASN B 127 8.51 -4.82 -1.31
N SER B 128 8.40 -6.14 -1.46
CA SER B 128 7.18 -6.85 -1.14
C SER B 128 7.28 -7.46 0.26
N LEU B 129 8.34 -7.08 0.98
CA LEU B 129 8.56 -7.53 2.35
C LEU B 129 8.36 -6.31 3.25
N ILE B 130 7.64 -6.50 4.36
CA ILE B 130 7.37 -5.36 5.22
C ILE B 130 7.22 -5.81 6.67
N ASN B 131 7.54 -4.89 7.58
CA ASN B 131 7.37 -5.09 9.01
C ASN B 131 5.97 -4.56 9.31
N GLU B 132 5.08 -5.44 9.78
CA GLU B 132 3.68 -5.11 10.03
C GLU B 132 3.46 -3.94 10.98
N GLU B 133 4.05 -3.97 12.18
CA GLU B 133 3.80 -2.91 13.15
C GLU B 133 4.35 -1.57 12.69
N SER B 134 5.63 -1.54 12.30
CA SER B 134 6.26 -0.30 11.85
C SER B 134 5.72 0.11 10.48
N ASN B 135 5.30 -0.89 9.69
CA ASN B 135 4.78 -0.66 8.35
C ASN B 135 5.95 -0.18 7.47
N VAL B 136 7.16 -0.62 7.83
CA VAL B 136 8.37 -0.24 7.11
C VAL B 136 8.72 -1.33 6.10
N VAL B 137 8.94 -0.89 4.85
CA VAL B 137 9.33 -1.79 3.76
C VAL B 137 10.82 -2.08 3.96
N LEU B 138 11.23 -3.31 3.65
CA LEU B 138 12.60 -3.80 3.86
C LEU B 138 13.64 -3.11 2.98
N ASP B 139 13.26 -2.61 1.79
CA ASP B 139 14.25 -1.98 0.94
C ASP B 139 14.11 -0.46 0.94
N SER B 140 13.24 0.09 1.80
CA SER B 140 13.02 1.52 1.85
C SER B 140 14.19 2.20 2.56
N ASN B 141 14.81 3.17 1.90
CA ASN B 141 15.93 3.93 2.44
C ASN B 141 15.43 4.89 3.50
N MSE B 142 16.27 5.13 4.51
CA MSE B 142 15.95 6.01 5.63
C MSE B 142 15.77 7.46 5.17
O MSE B 142 14.88 8.15 5.66
CB MSE B 142 17.04 5.92 6.70
CG MSE B 142 17.19 4.53 7.30
SE MSE B 142 15.63 4.03 8.37
CE MSE B 142 14.93 2.61 7.20
N LEU B 143 16.63 7.91 4.25
CA LEU B 143 16.58 9.27 3.73
C LEU B 143 15.28 9.53 2.97
N SER B 144 14.58 8.47 2.58
CA SER B 144 13.35 8.62 1.81
C SER B 144 12.29 9.42 2.58
N ASN B 145 12.24 9.24 3.91
CA ASN B 145 11.22 9.94 4.70
C ASN B 145 11.79 10.52 5.99
N ILE B 146 12.28 11.77 5.94
CA ILE B 146 12.83 12.43 7.11
C ILE B 146 11.73 13.31 7.70
N VAL B 147 11.48 13.15 9.01
CA VAL B 147 10.43 13.88 9.70
C VAL B 147 11.01 14.91 10.68
N SER B 148 12.26 14.75 11.09
CA SER B 148 12.83 15.70 12.03
C SER B 148 14.36 15.69 11.98
N TRP B 149 14.96 16.84 12.31
CA TRP B 149 16.41 16.97 12.37
C TRP B 149 16.72 18.01 13.43
N GLY B 150 17.82 17.84 14.16
CA GLY B 150 18.18 18.79 15.19
C GLY B 150 19.68 18.89 15.41
N ILE B 151 20.08 20.01 16.02
CA ILE B 151 21.47 20.26 16.36
C ILE B 151 21.53 20.65 17.82
N THR B 152 22.47 20.04 18.54
CA THR B 152 22.68 20.32 19.95
C THR B 152 23.99 21.06 20.11
N PHE B 153 23.95 22.13 20.90
CA PHE B 153 25.10 22.95 21.23
C PHE B 153 25.46 22.71 22.69
N ILE B 154 26.72 22.33 22.92
CA ILE B 154 27.22 22.08 24.28
C ILE B 154 28.28 23.15 24.54
N PRO B 155 28.00 24.15 25.41
CA PRO B 155 28.94 25.24 25.67
C PRO B 155 30.20 24.86 26.43
N SER B 156 31.24 25.68 26.27
CA SER B 156 32.50 25.48 26.98
C SER B 156 32.26 25.79 28.45
N ASP B 157 33.36 25.80 29.22
CA ASP B 157 33.31 26.12 30.63
C ASP B 157 33.13 27.63 30.81
N GLU B 158 33.44 28.41 29.77
CA GLU B 158 33.27 29.85 29.87
C GLU B 158 31.80 30.09 30.20
N GLU B 159 31.54 31.10 31.04
CA GLU B 159 30.18 31.41 31.47
C GLU B 159 29.35 31.85 30.27
N HIS B 160 29.89 32.80 29.50
CA HIS B 160 29.20 33.33 28.33
C HIS B 160 29.82 32.76 27.07
N ASN B 161 29.03 31.97 26.33
CA ASN B 161 29.47 31.39 25.06
C ASN B 161 28.64 31.96 23.92
N ILE B 162 29.33 32.18 22.79
CA ILE B 162 28.68 32.73 21.60
C ILE B 162 29.11 31.90 20.40
N VAL B 163 28.13 31.35 19.68
CA VAL B 163 28.38 30.60 18.45
C VAL B 163 27.47 31.21 17.39
N ILE B 164 28.03 31.40 16.19
CA ILE B 164 27.27 31.98 15.10
C ILE B 164 27.14 30.92 14.01
N ILE B 165 25.89 30.62 13.64
CA ILE B 165 25.60 29.66 12.59
C ILE B 165 25.09 30.45 11.40
N LYS B 166 25.95 30.65 10.39
CA LYS B 166 25.55 31.38 9.20
C LYS B 166 24.67 30.52 8.29
N LYS B 167 24.94 29.21 8.23
CA LYS B 167 24.20 28.39 7.31
C LYS B 167 24.39 26.90 7.59
N ILE B 168 23.30 26.14 7.35
CA ILE B 168 23.27 24.70 7.49
C ILE B 168 22.55 24.16 6.26
N SER B 169 23.27 23.41 5.43
CA SER B 169 22.69 22.87 4.21
C SER B 169 23.06 21.41 4.00
N LEU B 170 22.43 20.83 2.98
CA LEU B 170 22.63 19.46 2.54
C LEU B 170 23.28 19.50 1.16
N LEU B 171 24.43 18.84 1.02
CA LEU B 171 25.15 18.84 -0.25
C LEU B 171 24.92 17.51 -0.95
N SER B 172 24.68 17.59 -2.27
CA SER B 172 24.46 16.42 -3.10
C SER B 172 25.81 15.92 -3.63
N GLU B 173 25.99 14.60 -3.64
CA GLU B 173 27.20 13.98 -4.14
C GLU B 173 26.86 12.64 -4.78
N ASP C 4 -24.91 -16.62 9.19
CA ASP C 4 -25.88 -15.50 9.36
C ASP C 4 -25.33 -14.51 10.37
N LYS C 5 -25.69 -13.23 10.19
CA LYS C 5 -25.23 -12.16 11.07
C LYS C 5 -26.40 -11.27 11.45
N ILE C 6 -26.47 -10.90 12.74
CA ILE C 6 -27.52 -10.04 13.24
C ILE C 6 -26.94 -8.63 13.37
N LEU C 7 -27.53 -7.69 12.63
CA LEU C 7 -27.07 -6.31 12.69
C LEU C 7 -27.53 -5.70 14.01
N ASP C 8 -26.86 -4.62 14.44
CA ASP C 8 -27.19 -3.94 15.67
C ASP C 8 -28.31 -2.93 15.40
N LEU C 9 -29.31 -2.89 16.29
CA LEU C 9 -30.46 -2.01 16.15
C LEU C 9 -30.33 -0.83 17.12
N SER C 10 -29.51 0.17 16.75
CA SER C 10 -29.34 1.36 17.55
C SER C 10 -30.19 2.48 16.97
N PHE C 11 -30.72 3.35 17.85
CA PHE C 11 -31.58 4.42 17.41
C PHE C 11 -31.02 5.78 17.84
N LYS C 12 -29.73 5.78 18.22
CA LYS C 12 -29.03 6.97 18.65
C LYS C 12 -28.90 7.98 17.51
N LYS C 13 -28.62 7.47 16.32
CA LYS C 13 -28.43 8.33 15.16
C LYS C 13 -29.61 8.17 14.23
N ILE C 14 -30.46 9.20 14.20
CA ILE C 14 -31.66 9.20 13.39
C ILE C 14 -31.83 10.55 12.71
N GLU C 15 -32.40 10.49 11.49
CA GLU C 15 -32.70 11.66 10.68
C GLU C 15 -34.19 11.55 10.35
N THR C 16 -34.96 12.62 10.59
CA THR C 16 -36.38 12.56 10.35
C THR C 16 -37.01 13.94 10.37
N ASP C 17 -38.29 13.99 9.99
CA ASP C 17 -39.07 15.22 10.01
C ASP C 17 -40.37 14.96 10.77
N LEU C 18 -40.43 13.81 11.43
CA LEU C 18 -41.61 13.39 12.17
C LEU C 18 -41.31 13.24 13.65
N SER C 19 -42.39 13.01 14.41
CA SER C 19 -42.33 12.74 15.84
C SER C 19 -42.32 11.22 15.96
N SER C 20 -41.54 10.67 16.90
CA SER C 20 -41.45 9.21 17.02
C SER C 20 -41.26 8.74 18.46
N LYS C 21 -41.72 7.51 18.71
CA LYS C 21 -41.55 6.86 20.00
C LYS C 21 -41.00 5.46 19.70
N ILE C 22 -39.85 5.13 20.32
CA ILE C 22 -39.16 3.87 20.13
C ILE C 22 -39.13 3.11 21.45
N THR C 23 -39.50 1.83 21.42
CA THR C 23 -39.52 1.01 22.62
C THR C 23 -38.88 -0.36 22.38
N TYR C 24 -37.83 -0.67 23.15
CA TYR C 24 -37.19 -1.98 23.05
C TYR C 24 -38.05 -2.99 23.78
N GLU C 25 -38.58 -3.98 23.04
CA GLU C 25 -39.45 -5.00 23.64
C GLU C 25 -38.68 -6.32 23.69
N ASP C 26 -39.34 -7.36 24.25
CA ASP C 26 -38.75 -8.67 24.44
C ASP C 26 -37.78 -9.06 23.32
N THR C 27 -38.29 -9.28 22.10
CA THR C 27 -37.41 -9.70 21.01
C THR C 27 -37.26 -8.61 19.95
N GLY C 28 -38.32 -7.81 19.75
CA GLY C 28 -38.29 -6.76 18.75
C GLY C 28 -38.29 -5.36 19.33
N VAL C 29 -38.12 -4.38 18.44
CA VAL C 29 -38.13 -2.97 18.79
C VAL C 29 -39.34 -2.35 18.11
N LYS C 30 -40.13 -1.58 18.87
CA LYS C 30 -41.32 -0.95 18.33
C LYS C 30 -41.04 0.50 17.98
N ILE C 31 -41.50 0.90 16.79
CA ILE C 31 -41.35 2.26 16.29
C ILE C 31 -42.73 2.81 15.99
N GLU C 32 -43.05 3.95 16.61
CA GLU C 32 -44.30 4.64 16.42
C GLU C 32 -43.97 6.03 15.86
N THR C 33 -44.82 6.54 14.97
CA THR C 33 -44.61 7.85 14.38
C THR C 33 -45.92 8.63 14.30
N ASP C 34 -45.80 9.96 14.22
CA ASP C 34 -46.92 10.88 14.07
C ASP C 34 -46.60 11.76 12.88
N SER C 35 -47.52 11.78 11.89
CA SER C 35 -47.31 12.55 10.67
C SER C 35 -48.64 12.91 10.03
N SER C 36 -48.58 13.82 9.07
CA SER C 36 -49.76 14.29 8.34
C SER C 36 -49.67 13.89 6.88
N LYS C 37 -50.82 13.71 6.23
CA LYS C 37 -50.88 13.33 4.82
C LYS C 37 -50.18 14.38 3.96
N SER C 38 -50.44 15.66 4.27
CA SER C 38 -49.89 16.79 3.53
C SER C 38 -48.37 16.73 3.43
N ASP C 39 -47.70 16.23 4.48
CA ASP C 39 -46.25 16.12 4.46
C ASP C 39 -45.87 15.01 3.49
N LYS C 40 -45.38 15.38 2.30
CA LYS C 40 -44.99 14.40 1.30
C LYS C 40 -43.53 14.00 1.49
N GLU C 41 -42.83 14.73 2.37
CA GLU C 41 -41.42 14.47 2.65
C GLU C 41 -41.26 13.73 3.97
N ARG C 42 -42.26 12.89 4.32
CA ARG C 42 -42.23 12.14 5.57
C ARG C 42 -41.21 11.02 5.52
N TYR C 43 -40.38 10.90 6.58
CA TYR C 43 -39.40 9.83 6.62
C TYR C 43 -38.78 9.74 8.01
N LEU C 44 -38.27 8.54 8.30
CA LEU C 44 -37.55 8.20 9.50
C LEU C 44 -36.39 7.33 9.05
N TYR C 45 -35.15 7.84 9.24
CA TYR C 45 -33.94 7.17 8.82
C TYR C 45 -33.09 6.85 10.04
N ILE C 46 -32.75 5.56 10.18
CA ILE C 46 -31.99 5.03 11.29
C ILE C 46 -30.72 4.39 10.72
N TYR C 47 -29.54 4.74 11.27
CA TYR C 47 -28.31 4.18 10.73
C TYR C 47 -27.23 4.08 11.81
N GLN C 48 -26.27 3.17 11.59
CA GLN C 48 -25.15 2.98 12.50
C GLN C 48 -23.84 3.02 11.71
N ASN C 49 -22.78 3.52 12.36
CA ASN C 49 -21.46 3.62 11.76
C ASN C 49 -20.63 2.43 12.20
N ILE C 50 -20.19 1.61 11.23
CA ILE C 50 -19.43 0.40 11.50
C ILE C 50 -18.26 0.27 10.52
N LYS C 51 -17.53 -0.83 10.69
CA LYS C 51 -16.41 -1.22 9.83
C LYS C 51 -16.36 -2.75 9.84
N GLU C 52 -16.91 -3.35 8.79
CA GLU C 52 -16.97 -4.80 8.68
C GLU C 52 -16.84 -5.25 7.22
N ASN C 53 -16.61 -6.55 7.05
CA ASN C 53 -16.49 -7.20 5.77
C ASN C 53 -17.72 -8.08 5.57
N TRP C 54 -18.58 -7.72 4.60
CA TRP C 54 -19.80 -8.45 4.30
C TRP C 54 -19.65 -9.32 3.06
N SER C 55 -18.43 -9.84 2.82
CA SER C 55 -18.15 -10.66 1.64
C SER C 55 -18.82 -12.02 1.72
N MSE C 56 -19.01 -12.54 2.94
CA MSE C 56 -19.58 -13.85 3.17
C MSE C 56 -21.11 -13.81 3.25
O MSE C 56 -21.72 -14.80 3.66
CB MSE C 56 -19.00 -14.45 4.46
CG MSE C 56 -19.32 -13.66 5.72
SE MSE C 56 -18.53 -11.86 5.73
CE MSE C 56 -16.63 -12.34 5.58
N TYR C 57 -21.72 -12.69 2.86
CA TYR C 57 -23.17 -12.56 2.91
C TYR C 57 -23.71 -12.34 1.49
N ASN C 58 -24.99 -12.66 1.28
N ASN C 58 -24.98 -12.68 1.29
CA ASN C 58 -25.60 -12.52 -0.04
CA ASN C 58 -25.62 -12.58 -0.02
C ASN C 58 -26.81 -11.59 0.00
C ASN C 58 -26.82 -11.63 0.00
N ASN C 59 -27.46 -11.47 1.16
CA ASN C 59 -28.63 -10.60 1.23
C ASN C 59 -29.00 -10.18 2.64
N PHE C 60 -29.93 -9.22 2.70
CA PHE C 60 -30.50 -8.75 3.95
C PHE C 60 -31.77 -9.54 4.17
N TYR C 61 -32.13 -9.77 5.44
CA TYR C 61 -33.35 -10.49 5.77
C TYR C 61 -33.95 -9.67 6.92
N ILE C 62 -35.04 -8.96 6.61
CA ILE C 62 -35.70 -8.05 7.54
C ILE C 62 -36.99 -8.67 8.08
N GLU C 63 -37.16 -8.66 9.40
CA GLU C 63 -38.37 -9.18 10.02
C GLU C 63 -39.13 -7.97 10.54
N ILE C 64 -40.27 -7.67 9.89
CA ILE C 64 -41.01 -6.48 10.25
C ILE C 64 -42.53 -6.74 10.21
N GLN C 65 -43.26 -6.01 11.06
CA GLN C 65 -44.71 -6.12 11.12
C GLN C 65 -45.33 -4.73 10.98
N ASN C 66 -46.38 -4.64 10.15
CA ASN C 66 -47.09 -3.39 9.94
C ASN C 66 -48.43 -3.46 10.66
N LYS C 67 -48.63 -2.58 11.65
CA LYS C 67 -49.85 -2.56 12.44
C LYS C 67 -50.94 -1.74 11.76
N ASN C 68 -50.57 -0.78 10.92
CA ASN C 68 -51.56 0.05 10.25
C ASN C 68 -52.24 -0.72 9.13
N LYS C 69 -53.52 -0.40 8.88
CA LYS C 69 -54.28 -1.01 7.83
C LYS C 69 -53.71 -0.54 6.49
N SER C 70 -52.99 0.59 6.54
CA SER C 70 -52.34 1.17 5.38
C SER C 70 -50.95 0.54 5.21
N SER C 71 -50.45 0.58 3.97
CA SER C 71 -49.14 0.05 3.68
C SER C 71 -48.09 1.09 4.05
N GLN C 72 -46.87 0.62 4.26
CA GLN C 72 -45.75 1.47 4.58
C GLN C 72 -44.75 1.30 3.44
N LYS C 73 -43.68 2.09 3.47
CA LYS C 73 -42.65 1.94 2.46
C LYS C 73 -41.31 2.10 3.17
N ILE C 74 -40.41 1.15 2.90
CA ILE C 74 -39.08 1.19 3.48
C ILE C 74 -38.07 1.17 2.34
N ASN C 75 -36.84 1.57 2.67
CA ASN C 75 -35.73 1.57 1.73
C ASN C 75 -34.48 1.32 2.58
N LEU C 76 -33.36 1.05 1.91
CA LEU C 76 -32.11 0.75 2.61
C LEU C 76 -31.00 1.70 2.16
N SER C 77 -29.95 1.76 2.97
CA SER C 77 -28.79 2.58 2.68
C SER C 77 -27.55 1.82 3.14
N ILE C 78 -26.51 1.79 2.28
CA ILE C 78 -25.26 1.12 2.57
C ILE C 78 -24.12 2.00 2.08
N GLN C 79 -23.20 2.35 2.99
CA GLN C 79 -22.06 3.19 2.64
C GLN C 79 -20.81 2.31 2.59
N SER C 80 -20.10 2.38 1.46
CA SER C 80 -18.90 1.59 1.24
C SER C 80 -17.71 2.47 0.89
N LYS C 81 -16.52 2.05 1.36
CA LYS C 81 -15.26 2.72 1.11
C LYS C 81 -15.30 4.20 1.53
N ASN C 82 -16.12 4.49 2.54
CA ASN C 82 -16.23 5.84 3.10
C ASN C 82 -16.75 6.87 2.08
N MSE C 83 -17.33 6.43 0.96
CA MSE C 83 -17.83 7.40 -0.01
C MSE C 83 -18.98 6.83 -0.85
O MSE C 83 -19.97 7.52 -1.08
CB MSE C 83 -16.70 7.90 -0.90
CG MSE C 83 -16.11 6.86 -1.83
SE MSE C 83 -14.56 7.57 -2.81
CE MSE C 83 -13.40 7.97 -1.28
N PHE C 84 -18.86 5.56 -1.28
CA PHE C 84 -19.86 4.93 -2.12
C PHE C 84 -21.12 4.57 -1.36
N GLU C 85 -22.25 5.11 -1.82
CA GLU C 85 -23.56 4.86 -1.22
C GLU C 85 -24.35 3.94 -2.14
N PHE C 86 -25.15 3.05 -1.55
CA PHE C 86 -25.97 2.12 -2.31
C PHE C 86 -27.43 2.29 -1.90
N ARG C 87 -28.32 2.15 -2.89
CA ARG C 87 -29.75 2.29 -2.72
C ARG C 87 -30.45 1.14 -3.44
N LEU C 88 -31.72 0.90 -3.12
CA LEU C 88 -32.51 -0.15 -3.75
C LEU C 88 -32.54 0.09 -5.26
N LYS C 89 -32.25 -0.96 -6.03
CA LYS C 89 -32.23 -0.90 -7.48
C LYS C 89 -33.64 -0.97 -8.05
N GLU C 90 -34.03 0.09 -8.76
CA GLU C 90 -35.35 0.20 -9.38
C GLU C 90 -35.60 -1.04 -10.25
N GLY C 91 -36.80 -1.62 -10.11
CA GLY C 91 -37.19 -2.78 -10.91
C GLY C 91 -36.69 -4.12 -10.37
N SER C 92 -35.84 -4.12 -9.34
CA SER C 92 -35.38 -5.39 -8.79
C SER C 92 -36.54 -6.04 -8.04
N GLU C 93 -36.52 -7.37 -7.94
CA GLU C 93 -37.58 -8.08 -7.24
C GLU C 93 -37.16 -8.35 -5.80
N VAL C 94 -38.12 -8.16 -4.90
CA VAL C 94 -37.92 -8.39 -3.48
C VAL C 94 -38.98 -9.41 -3.05
N PHE C 95 -38.62 -10.28 -2.10
CA PHE C 95 -39.52 -11.34 -1.66
C PHE C 95 -40.04 -11.08 -0.25
N LEU C 96 -41.37 -11.20 -0.08
CA LEU C 96 -42.00 -10.98 1.21
C LEU C 96 -42.77 -12.23 1.66
N GLU C 97 -42.26 -12.87 2.71
CA GLU C 97 -42.90 -14.04 3.28
C GLU C 97 -43.79 -13.59 4.43
N GLY C 98 -45.11 -13.60 4.21
CA GLY C 98 -46.06 -13.26 5.25
C GLY C 98 -46.27 -14.46 6.16
N LYS C 99 -47.34 -14.44 6.95
CA LYS C 99 -47.65 -15.52 7.86
C LYS C 99 -48.07 -16.75 7.07
N ASN C 100 -48.86 -16.54 6.00
CA ASN C 100 -49.35 -17.64 5.20
C ASN C 100 -48.97 -17.52 3.72
N ILE C 101 -48.52 -16.35 3.26
CA ILE C 101 -48.24 -16.19 1.83
C ILE C 101 -46.89 -15.54 1.55
N ILE C 102 -46.16 -16.13 0.59
CA ILE C 102 -44.89 -15.60 0.12
C ILE C 102 -45.11 -15.16 -1.32
N TYR C 103 -44.74 -13.92 -1.63
CA TYR C 103 -44.88 -13.42 -2.98
C TYR C 103 -43.72 -12.48 -3.25
N SER C 104 -43.55 -12.11 -4.53
CA SER C 104 -42.49 -11.22 -4.94
C SER C 104 -43.09 -9.87 -5.33
N ASP C 105 -42.29 -8.81 -5.19
CA ASP C 105 -42.74 -7.48 -5.55
C ASP C 105 -41.50 -6.75 -6.07
N LYS C 106 -41.68 -5.56 -6.62
CA LYS C 106 -40.55 -4.83 -7.14
C LYS C 106 -40.33 -3.52 -6.39
N ILE C 107 -39.09 -3.04 -6.49
CA ILE C 107 -38.65 -1.80 -5.88
C ILE C 107 -39.21 -0.69 -6.77
N LYS C 108 -40.12 0.11 -6.21
CA LYS C 108 -40.77 1.20 -6.92
C LYS C 108 -40.32 2.54 -6.35
N GLU C 109 -39.76 3.38 -7.22
CA GLU C 109 -39.26 4.70 -6.82
C GLU C 109 -38.21 4.53 -5.71
N GLY C 110 -37.46 3.42 -5.80
CA GLY C 110 -36.39 3.11 -4.86
C GLY C 110 -36.90 2.69 -3.48
N OCS C 111 -38.15 2.23 -3.38
CA OCS C 111 -38.73 1.82 -2.11
CB OCS C 111 -39.84 2.77 -1.64
SG OCS C 111 -39.30 4.30 -0.96
C OCS C 111 -39.38 0.44 -2.19
O OCS C 111 -39.71 -0.04 -3.27
OD1 OCS C 111 -40.17 5.31 -1.76
OD2 OCS C 111 -39.71 4.30 0.41
OD3 OCS C 111 -37.91 4.44 -1.28
N ILE C 112 -39.52 -0.20 -1.02
CA ILE C 112 -40.19 -1.47 -0.88
C ILE C 112 -41.51 -1.19 -0.18
N GLU C 113 -42.61 -1.73 -0.70
CA GLU C 113 -43.90 -1.51 -0.07
C GLU C 113 -44.24 -2.65 0.88
N VAL C 114 -44.43 -2.32 2.16
CA VAL C 114 -44.81 -3.28 3.18
C VAL C 114 -46.33 -3.16 3.32
N PRO C 115 -47.12 -4.16 2.85
CA PRO C 115 -48.58 -4.05 2.90
C PRO C 115 -49.23 -4.04 4.29
N GLY C 116 -50.36 -3.34 4.39
CA GLY C 116 -51.11 -3.24 5.63
C GLY C 116 -51.27 -4.61 6.29
N GLU C 117 -51.10 -4.64 7.61
CA GLU C 117 -51.22 -5.84 8.43
C GLU C 117 -50.13 -6.86 8.11
N PHE C 118 -49.18 -6.51 7.23
CA PHE C 118 -48.12 -7.46 6.90
C PHE C 118 -47.36 -7.87 8.15
N GLU C 119 -47.03 -9.17 8.24
CA GLU C 119 -46.28 -9.73 9.34
C GLU C 119 -45.45 -10.87 8.76
N GLY C 120 -44.14 -10.65 8.61
CA GLY C 120 -43.31 -11.70 8.02
C GLY C 120 -41.85 -11.31 7.84
N LYS C 121 -41.25 -11.86 6.77
CA LYS C 121 -39.84 -11.68 6.47
C LYS C 121 -39.64 -11.17 5.05
N ILE C 122 -38.86 -10.08 4.90
CA ILE C 122 -38.59 -9.47 3.61
C ILE C 122 -37.11 -9.70 3.23
N TYR C 123 -36.91 -10.39 2.09
CA TYR C 123 -35.60 -10.74 1.55
C TYR C 123 -35.17 -9.72 0.50
N VAL C 124 -33.91 -9.26 0.59
CA VAL C 124 -33.34 -8.29 -0.34
C VAL C 124 -31.90 -8.69 -0.68
N ASN C 125 -31.68 -9.14 -1.91
CA ASN C 125 -30.36 -9.55 -2.38
C ASN C 125 -29.49 -8.30 -2.53
N PHE C 126 -28.16 -8.47 -2.38
CA PHE C 126 -27.23 -7.37 -2.52
C PHE C 126 -27.18 -6.85 -3.95
N ASN C 127 -27.57 -7.67 -4.93
CA ASN C 127 -27.53 -7.22 -6.32
C ASN C 127 -28.68 -6.26 -6.56
N SER C 128 -29.55 -6.07 -5.56
CA SER C 128 -30.67 -5.14 -5.68
C SER C 128 -30.30 -3.80 -5.06
N LEU C 129 -29.02 -3.68 -4.66
CA LEU C 129 -28.49 -2.45 -4.11
C LEU C 129 -27.55 -1.91 -5.17
N ILE C 130 -27.68 -0.63 -5.52
CA ILE C 130 -26.85 -0.07 -6.59
C ILE C 130 -26.36 1.34 -6.23
N ASN C 131 -25.22 1.68 -6.85
CA ASN C 131 -24.55 2.97 -6.72
C ASN C 131 -24.78 3.71 -8.03
N GLU C 132 -25.81 4.56 -8.05
CA GLU C 132 -26.24 5.32 -9.23
C GLU C 132 -25.06 5.81 -10.07
N GLU C 133 -24.09 6.49 -9.44
CA GLU C 133 -22.95 7.06 -10.13
C GLU C 133 -22.19 6.03 -10.99
N SER C 134 -21.62 5.00 -10.34
CA SER C 134 -20.84 3.99 -11.02
C SER C 134 -21.73 2.95 -11.71
N ASN C 135 -23.01 2.92 -11.33
CA ASN C 135 -23.97 1.96 -11.86
C ASN C 135 -23.51 0.56 -11.46
N VAL C 136 -22.83 0.47 -10.31
CA VAL C 136 -22.31 -0.79 -9.81
C VAL C 136 -23.20 -1.30 -8.67
N VAL C 137 -23.36 -2.63 -8.61
CA VAL C 137 -24.15 -3.26 -7.56
C VAL C 137 -23.23 -3.51 -6.38
N LEU C 138 -23.81 -3.64 -5.18
CA LEU C 138 -23.03 -3.81 -3.97
C LEU C 138 -22.21 -5.10 -3.98
N ASP C 139 -22.73 -6.17 -4.59
CA ASP C 139 -22.01 -7.43 -4.61
C ASP C 139 -21.13 -7.52 -5.86
N SER C 140 -20.40 -6.44 -6.15
CA SER C 140 -19.54 -6.40 -7.32
C SER C 140 -18.36 -5.46 -7.06
N ASN C 141 -17.73 -4.99 -8.14
CA ASN C 141 -16.60 -4.08 -8.07
C ASN C 141 -16.66 -3.10 -9.25
N MSE C 142 -15.62 -2.27 -9.37
CA MSE C 142 -15.54 -1.25 -10.41
C MSE C 142 -15.33 -1.85 -11.80
O MSE C 142 -15.59 -1.17 -12.79
CB MSE C 142 -14.41 -0.28 -10.07
CG MSE C 142 -14.67 0.58 -8.86
SE MSE C 142 -16.00 1.97 -9.26
CE MSE C 142 -17.40 1.42 -8.02
N LEU C 143 -14.85 -3.10 -11.89
CA LEU C 143 -14.63 -3.76 -13.16
C LEU C 143 -15.95 -4.02 -13.90
N SER C 144 -17.06 -4.07 -13.15
CA SER C 144 -18.37 -4.34 -13.73
C SER C 144 -18.75 -3.30 -14.78
N ASN C 145 -18.30 -2.06 -14.60
CA ASN C 145 -18.65 -1.00 -15.54
C ASN C 145 -17.41 -0.27 -16.05
N ILE C 146 -16.81 -0.82 -17.12
CA ILE C 146 -15.65 -0.22 -17.76
C ILE C 146 -16.13 0.50 -19.02
N VAL C 147 -15.78 1.80 -19.10
CA VAL C 147 -16.18 2.62 -20.23
C VAL C 147 -14.99 2.95 -21.10
N SER C 148 -13.77 2.52 -20.70
CA SER C 148 -12.59 2.79 -21.50
C SER C 148 -11.33 2.17 -20.89
N TRP C 149 -10.32 2.01 -21.75
CA TRP C 149 -9.01 1.51 -21.35
C TRP C 149 -8.00 2.03 -22.36
N GLY C 150 -6.75 2.21 -21.93
CA GLY C 150 -5.74 2.69 -22.84
C GLY C 150 -4.32 2.49 -22.32
N ILE C 151 -3.36 2.73 -23.22
CA ILE C 151 -1.95 2.60 -22.90
C ILE C 151 -1.25 3.92 -23.17
N THR C 152 -0.40 4.29 -22.20
CA THR C 152 0.44 5.46 -22.29
C THR C 152 1.79 4.97 -22.78
N PHE C 153 2.45 5.79 -23.58
CA PHE C 153 3.74 5.42 -24.13
C PHE C 153 4.66 6.63 -24.15
N ILE C 154 5.68 6.61 -23.28
CA ILE C 154 6.68 7.67 -23.23
C ILE C 154 7.87 7.13 -24.03
N PRO C 155 8.17 7.71 -25.21
CA PRO C 155 9.29 7.23 -26.02
C PRO C 155 10.64 7.61 -25.42
N SER C 156 11.68 6.93 -25.89
CA SER C 156 13.04 7.20 -25.46
C SER C 156 13.49 8.53 -26.09
N ASP C 157 14.70 8.97 -25.73
CA ASP C 157 15.28 10.20 -26.25
C ASP C 157 15.52 10.07 -27.76
N GLU C 158 15.54 8.84 -28.29
CA GLU C 158 15.73 8.62 -29.71
C GLU C 158 14.60 9.34 -30.45
N GLU C 159 14.87 9.80 -31.69
CA GLU C 159 13.84 10.54 -32.42
C GLU C 159 12.73 9.60 -32.89
N HIS C 160 13.10 8.47 -33.50
CA HIS C 160 12.16 7.50 -34.01
C HIS C 160 12.05 6.29 -33.09
N ASN C 161 10.89 6.13 -32.45
CA ASN C 161 10.65 4.99 -31.58
C ASN C 161 9.56 4.11 -32.17
N ILE C 162 9.77 2.79 -32.03
CA ILE C 162 8.84 1.81 -32.53
C ILE C 162 8.64 0.71 -31.48
N VAL C 163 7.37 0.39 -31.23
CA VAL C 163 6.99 -0.70 -30.34
C VAL C 163 5.88 -1.45 -31.06
N ILE C 164 5.90 -2.77 -30.95
CA ILE C 164 4.89 -3.61 -31.57
C ILE C 164 4.11 -4.37 -30.49
N ILE C 165 2.79 -4.17 -30.47
CA ILE C 165 1.91 -4.86 -29.55
C ILE C 165 1.13 -5.88 -30.36
N LYS C 166 1.50 -7.16 -30.25
CA LYS C 166 0.83 -8.21 -30.98
C LYS C 166 -0.52 -8.54 -30.37
N LYS C 167 -0.56 -8.66 -29.05
CA LYS C 167 -1.78 -9.06 -28.38
C LYS C 167 -1.88 -8.51 -26.96
N ILE C 168 -3.12 -8.31 -26.54
CA ILE C 168 -3.48 -7.85 -25.21
C ILE C 168 -4.68 -8.69 -24.80
N SER C 169 -4.47 -9.62 -23.86
CA SER C 169 -5.54 -10.49 -23.41
C SER C 169 -5.73 -10.37 -21.89
N LEU C 170 -6.95 -10.70 -21.45
CA LEU C 170 -7.33 -10.67 -20.06
C LEU C 170 -7.31 -12.10 -19.52
N LEU C 171 -6.39 -12.36 -18.58
CA LEU C 171 -6.26 -13.69 -17.98
C LEU C 171 -7.20 -13.82 -16.79
N SER C 172 -7.30 -15.05 -16.27
CA SER C 172 -8.16 -15.34 -15.13
C SER C 172 -7.78 -16.70 -14.53
N ASP D 4 -9.59 -17.04 -22.04
CA ASP D 4 -8.86 -15.75 -22.25
C ASP D 4 -9.63 -14.88 -23.22
N LYS D 5 -9.75 -13.59 -22.87
CA LYS D 5 -10.46 -12.63 -23.70
C LYS D 5 -9.44 -11.79 -24.47
N ILE D 6 -9.62 -11.75 -25.80
CA ILE D 6 -8.76 -10.98 -26.69
C ILE D 6 -9.43 -9.64 -26.93
N LEU D 7 -8.70 -8.55 -26.70
CA LEU D 7 -9.23 -7.21 -26.91
C LEU D 7 -9.04 -6.81 -28.37
N ASP D 8 -10.01 -6.04 -28.88
CA ASP D 8 -9.93 -5.54 -30.24
C ASP D 8 -8.95 -4.37 -30.23
N LEU D 9 -7.85 -4.52 -30.97
CA LEU D 9 -6.83 -3.48 -30.98
C LEU D 9 -7.19 -2.40 -32.01
N SER D 10 -8.18 -1.59 -31.62
CA SER D 10 -8.65 -0.45 -32.39
C SER D 10 -8.58 0.74 -31.45
N PHE D 11 -7.57 1.59 -31.66
CA PHE D 11 -7.35 2.69 -30.75
C PHE D 11 -7.53 4.08 -31.37
N LYS D 12 -7.89 5.03 -30.50
CA LYS D 12 -7.97 6.44 -30.82
C LYS D 12 -6.69 6.99 -30.17
N LYS D 13 -6.32 8.23 -30.46
CA LYS D 13 -5.03 8.69 -29.95
C LYS D 13 -5.07 10.10 -29.35
N ILE D 14 -4.08 10.33 -28.48
CA ILE D 14 -3.85 11.61 -27.82
C ILE D 14 -2.34 11.83 -27.87
N GLU D 15 -1.88 12.66 -28.83
CA GLU D 15 -0.48 12.97 -29.02
C GLU D 15 -0.07 14.25 -28.29
N THR D 16 1.02 14.19 -27.51
CA THR D 16 1.57 15.34 -26.81
C THR D 16 3.04 15.47 -27.19
N ASP D 17 3.39 16.60 -27.83
CA ASP D 17 4.76 16.90 -28.28
C ASP D 17 5.41 15.75 -29.06
N LEU D 18 4.69 15.21 -30.05
CA LEU D 18 5.23 14.18 -30.93
C LEU D 18 4.25 13.88 -32.06
N SER D 19 4.69 13.05 -33.00
CA SER D 19 3.84 12.59 -34.09
C SER D 19 3.87 11.07 -34.06
N SER D 20 2.74 10.42 -34.30
CA SER D 20 2.71 8.98 -34.23
C SER D 20 2.11 8.39 -35.50
N LYS D 21 2.42 7.10 -35.71
CA LYS D 21 1.90 6.32 -36.82
C LYS D 21 1.58 4.94 -36.27
N ILE D 22 0.28 4.66 -36.15
CA ILE D 22 -0.18 3.38 -35.66
C ILE D 22 -0.69 2.59 -36.86
N THR D 23 -0.12 1.40 -37.06
CA THR D 23 -0.48 0.55 -38.18
C THR D 23 -1.04 -0.75 -37.64
N TYR D 24 -2.25 -1.09 -38.09
CA TYR D 24 -2.95 -2.29 -37.67
C TYR D 24 -2.66 -3.42 -38.65
N GLU D 25 -1.69 -4.26 -38.29
CA GLU D 25 -1.30 -5.40 -39.11
C GLU D 25 -1.73 -6.67 -38.41
N ASP D 26 -1.83 -7.77 -39.17
CA ASP D 26 -2.23 -9.06 -38.61
C ASP D 26 -1.13 -9.56 -37.69
N THR D 27 0.11 -9.10 -37.92
CA THR D 27 1.25 -9.49 -37.10
C THR D 27 1.22 -8.74 -35.77
N GLY D 28 0.46 -7.63 -35.72
CA GLY D 28 0.35 -6.84 -34.51
C GLY D 28 0.27 -5.35 -34.79
N VAL D 29 -0.24 -4.60 -33.79
CA VAL D 29 -0.37 -3.16 -33.90
C VAL D 29 1.02 -2.56 -33.77
N LYS D 30 1.44 -1.80 -34.79
CA LYS D 30 2.75 -1.17 -34.79
C LYS D 30 2.58 0.29 -34.39
N ILE D 31 3.32 0.69 -33.35
CA ILE D 31 3.26 2.05 -32.86
C ILE D 31 4.62 2.70 -33.13
N GLU D 32 4.60 3.77 -33.93
CA GLU D 32 5.79 4.51 -34.30
C GLU D 32 5.63 5.97 -33.90
N THR D 33 6.69 6.55 -33.31
CA THR D 33 6.66 7.96 -32.91
C THR D 33 7.95 8.63 -33.36
N ASP D 34 7.89 9.97 -33.39
CA ASP D 34 8.98 10.87 -33.74
C ASP D 34 8.99 11.98 -32.70
N SER D 35 10.04 12.03 -31.87
CA SER D 35 10.12 12.99 -30.78
C SER D 35 11.54 13.50 -30.56
N SER D 36 11.68 14.56 -29.75
CA SER D 36 12.98 15.13 -29.43
C SER D 36 13.31 14.90 -27.96
N LYS D 37 14.61 14.69 -27.69
CA LYS D 37 15.13 14.45 -26.36
C LYS D 37 14.85 15.64 -25.43
N SER D 38 14.76 16.84 -26.00
CA SER D 38 14.53 18.06 -25.24
C SER D 38 13.12 18.11 -24.66
N ASP D 39 12.11 17.69 -25.45
CA ASP D 39 10.73 17.72 -24.99
C ASP D 39 10.47 16.60 -23.98
N LYS D 40 10.41 16.97 -22.70
CA LYS D 40 10.21 16.01 -21.63
C LYS D 40 8.71 15.86 -21.34
N GLU D 41 7.87 16.49 -22.18
CA GLU D 41 6.42 16.42 -22.04
C GLU D 41 5.84 15.48 -23.10
N ARG D 42 6.72 14.88 -23.93
CA ARG D 42 6.30 13.97 -25.00
C ARG D 42 5.50 12.82 -24.41
N TYR D 43 4.45 12.40 -25.13
CA TYR D 43 3.57 11.35 -24.62
C TYR D 43 2.54 10.94 -25.68
N LEU D 44 2.21 9.64 -25.72
CA LEU D 44 1.16 9.12 -26.60
C LEU D 44 0.22 8.25 -25.76
N TYR D 45 -1.08 8.48 -25.96
CA TYR D 45 -2.12 7.74 -25.26
C TYR D 45 -3.06 7.16 -26.30
N ILE D 46 -3.14 5.82 -26.32
CA ILE D 46 -4.01 5.10 -27.24
C ILE D 46 -5.06 4.40 -26.38
N TYR D 47 -6.33 4.69 -26.64
CA TYR D 47 -7.40 4.11 -25.84
C TYR D 47 -8.54 3.63 -26.73
N GLN D 48 -9.54 3.00 -26.09
CA GLN D 48 -10.71 2.48 -26.76
C GLN D 48 -11.92 2.63 -25.83
N ASN D 49 -12.92 3.41 -26.28
CA ASN D 49 -14.15 3.59 -25.49
C ASN D 49 -14.98 2.31 -25.63
N ILE D 50 -15.34 1.71 -24.49
CA ILE D 50 -16.12 0.49 -24.48
C ILE D 50 -17.20 0.57 -23.41
N LYS D 51 -17.94 -0.54 -23.26
CA LYS D 51 -19.00 -0.71 -22.27
C LYS D 51 -19.11 -2.21 -22.02
N GLU D 52 -18.21 -2.73 -21.17
CA GLU D 52 -18.17 -4.16 -20.88
C GLU D 52 -17.92 -4.43 -19.40
N ASN D 53 -18.09 -5.71 -19.02
CA ASN D 53 -17.89 -6.19 -17.67
C ASN D 53 -16.61 -7.03 -17.62
N TRP D 54 -15.66 -6.59 -16.80
CA TRP D 54 -14.34 -7.21 -16.63
C TRP D 54 -14.17 -7.76 -15.22
N SER D 55 -15.27 -7.97 -14.49
CA SER D 55 -15.19 -8.44 -13.11
C SER D 55 -14.97 -9.95 -12.98
N MSE D 56 -14.44 -10.60 -14.02
CA MSE D 56 -14.20 -12.03 -13.94
C MSE D 56 -12.79 -12.37 -14.42
O MSE D 56 -12.51 -13.53 -14.72
CB MSE D 56 -15.26 -12.78 -14.78
CG MSE D 56 -15.17 -12.56 -16.28
SE MSE D 56 -16.03 -10.88 -16.85
CE MSE D 56 -17.77 -11.10 -15.98
N TYR D 57 -11.91 -11.35 -14.46
CA TYR D 57 -10.55 -11.51 -14.92
C TYR D 57 -9.57 -11.11 -13.81
N ASN D 58 -8.38 -11.71 -13.82
CA ASN D 58 -7.38 -11.47 -12.79
C ASN D 58 -6.16 -10.70 -13.31
N ASN D 59 -5.46 -11.25 -14.30
CA ASN D 59 -4.24 -10.63 -14.81
C ASN D 59 -4.43 -10.05 -16.21
N PHE D 60 -3.61 -9.01 -16.50
CA PHE D 60 -3.61 -8.32 -17.78
C PHE D 60 -2.35 -8.78 -18.51
N TYR D 61 -2.50 -9.19 -19.78
CA TYR D 61 -1.41 -9.72 -20.57
C TYR D 61 -1.10 -8.81 -21.76
N ILE D 62 0.19 -8.46 -21.91
CA ILE D 62 0.65 -7.61 -23.01
C ILE D 62 1.83 -8.28 -23.70
N GLU D 63 1.66 -8.57 -24.99
CA GLU D 63 2.73 -9.13 -25.80
C GLU D 63 3.33 -7.94 -26.54
N ILE D 64 4.49 -7.47 -26.07
CA ILE D 64 5.07 -6.26 -26.62
C ILE D 64 6.53 -6.46 -27.04
N GLN D 65 6.93 -5.70 -28.06
CA GLN D 65 8.28 -5.72 -28.60
C GLN D 65 8.79 -4.30 -28.81
N ASN D 66 9.94 -4.00 -28.20
CA ASN D 66 10.60 -2.71 -28.34
C ASN D 66 11.71 -2.88 -29.37
N LYS D 67 11.67 -2.13 -30.47
CA LYS D 67 12.69 -2.27 -31.51
C LYS D 67 13.86 -1.32 -31.28
N ASN D 68 13.72 -0.33 -30.39
CA ASN D 68 14.82 0.59 -30.13
C ASN D 68 15.81 -0.04 -29.15
N LYS D 69 17.03 0.52 -29.11
CA LYS D 69 18.07 0.05 -28.21
C LYS D 69 17.82 0.64 -26.83
N SER D 70 17.12 1.77 -26.80
CA SER D 70 16.79 2.43 -25.55
C SER D 70 15.47 1.88 -25.03
N SER D 71 15.33 1.90 -23.70
CA SER D 71 14.14 1.44 -23.02
C SER D 71 12.99 2.43 -23.22
N GLN D 72 11.76 1.89 -23.29
CA GLN D 72 10.59 2.74 -23.41
C GLN D 72 9.91 2.70 -22.05
N LYS D 73 8.88 3.54 -21.87
CA LYS D 73 8.13 3.56 -20.62
C LYS D 73 6.64 3.60 -20.99
N ILE D 74 5.86 2.74 -20.33
CA ILE D 74 4.42 2.67 -20.56
C ILE D 74 3.71 2.56 -19.22
N ASN D 75 2.39 2.75 -19.26
CA ASN D 75 1.53 2.65 -18.09
C ASN D 75 0.10 2.45 -18.57
N LEU D 76 -0.64 1.58 -17.86
CA LEU D 76 -2.02 1.25 -18.21
C LEU D 76 -2.99 2.19 -17.48
N SER D 77 -4.17 2.36 -18.08
CA SER D 77 -5.22 3.19 -17.52
C SER D 77 -6.58 2.57 -17.84
N ILE D 78 -7.36 2.33 -16.78
CA ILE D 78 -8.68 1.73 -16.89
C ILE D 78 -9.68 2.75 -16.31
N GLN D 79 -10.77 3.01 -17.04
CA GLN D 79 -11.74 4.00 -16.60
C GLN D 79 -13.12 3.37 -16.39
N SER D 80 -13.65 3.49 -15.16
CA SER D 80 -14.96 2.97 -14.81
C SER D 80 -16.03 3.98 -15.23
N LYS D 81 -17.31 3.59 -15.12
CA LYS D 81 -18.41 4.46 -15.54
C LYS D 81 -18.52 5.69 -14.63
N ASN D 82 -17.87 5.63 -13.46
CA ASN D 82 -17.91 6.75 -12.53
C ASN D 82 -16.84 7.80 -12.91
N MSE D 83 -16.15 7.55 -14.04
N MSE D 83 -16.16 7.58 -14.04
CA MSE D 83 -15.10 8.41 -14.57
CA MSE D 83 -15.13 8.48 -14.52
C MSE D 83 -13.86 8.29 -13.69
C MSE D 83 -13.87 8.33 -13.66
O MSE D 83 -12.93 9.09 -13.81
O MSE D 83 -12.95 9.13 -13.75
CB MSE D 83 -15.56 9.85 -14.74
CB MSE D 83 -15.61 9.94 -14.53
CG MSE D 83 -16.69 10.03 -15.75
CG MSE D 83 -17.05 10.13 -14.95
SE MSE D 83 -16.49 8.89 -17.36
SE MSE D 83 -17.36 11.83 -15.88
CE MSE D 83 -18.41 8.62 -17.75
CE MSE D 83 -16.42 13.02 -14.64
N PHE D 84 -13.84 7.27 -12.83
CA PHE D 84 -12.69 6.99 -11.97
C PHE D 84 -11.64 6.27 -12.80
N GLU D 85 -10.46 6.90 -12.89
CA GLU D 85 -9.34 6.32 -13.62
C GLU D 85 -8.53 5.44 -12.68
N PHE D 86 -8.12 4.27 -13.19
CA PHE D 86 -7.29 3.33 -12.44
C PHE D 86 -5.96 3.19 -13.18
N ARG D 87 -4.87 3.46 -12.47
CA ARG D 87 -3.52 3.37 -13.01
C ARG D 87 -2.61 2.65 -12.02
N LEU D 88 -1.46 2.19 -12.54
CA LEU D 88 -0.45 1.45 -11.80
C LEU D 88 -0.13 2.11 -10.47
N LYS D 89 -0.23 1.31 -9.39
CA LYS D 89 0.04 1.76 -8.04
C LYS D 89 1.55 1.84 -7.82
N GLU D 90 1.99 2.98 -7.27
CA GLU D 90 3.40 3.23 -7.01
C GLU D 90 3.90 2.17 -6.02
N GLY D 91 4.90 1.39 -6.46
CA GLY D 91 5.47 0.34 -5.64
C GLY D 91 5.08 -1.05 -6.13
N SER D 92 3.88 -1.17 -6.71
CA SER D 92 3.38 -2.43 -7.22
C SER D 92 4.43 -3.08 -8.12
N GLU D 93 4.48 -4.41 -8.06
CA GLU D 93 5.47 -5.18 -8.80
C GLU D 93 4.86 -5.75 -10.07
N VAL D 94 5.61 -5.62 -11.18
CA VAL D 94 5.22 -6.20 -12.45
C VAL D 94 6.42 -7.01 -12.92
N PHE D 95 6.16 -8.13 -13.58
CA PHE D 95 7.25 -8.94 -14.09
C PHE D 95 7.14 -8.99 -15.61
N LEU D 96 8.30 -9.02 -16.27
CA LEU D 96 8.39 -9.07 -17.72
C LEU D 96 9.00 -10.40 -18.14
N GLU D 97 8.37 -11.08 -19.10
CA GLU D 97 8.88 -12.34 -19.60
C GLU D 97 9.54 -12.13 -20.96
N GLY D 98 10.86 -11.94 -20.94
CA GLY D 98 11.64 -11.73 -22.16
C GLY D 98 11.97 -13.05 -22.84
N LYS D 99 12.80 -12.99 -23.89
CA LYS D 99 13.18 -14.19 -24.63
C LYS D 99 14.03 -15.11 -23.76
N ASN D 100 15.00 -14.52 -23.04
CA ASN D 100 15.87 -15.32 -22.18
C ASN D 100 16.06 -14.66 -20.81
N ILE D 101 15.43 -13.50 -20.59
CA ILE D 101 15.59 -12.80 -19.32
C ILE D 101 14.22 -12.43 -18.74
N ILE D 102 14.17 -12.45 -17.40
CA ILE D 102 12.98 -12.11 -16.63
C ILE D 102 13.32 -10.86 -15.82
N TYR D 103 12.47 -9.83 -15.89
CA TYR D 103 12.73 -8.59 -15.17
C TYR D 103 11.76 -8.40 -14.02
N SER D 104 12.30 -8.45 -12.79
CA SER D 104 11.51 -8.23 -11.58
C SER D 104 11.58 -6.73 -11.30
N ASP D 105 10.68 -5.96 -11.92
CA ASP D 105 10.73 -4.51 -11.79
C ASP D 105 9.61 -3.95 -10.92
N LYS D 106 9.97 -2.86 -10.23
CA LYS D 106 9.12 -2.09 -9.34
C LYS D 106 8.58 -0.91 -10.13
N ILE D 107 7.26 -0.72 -10.13
CA ILE D 107 6.65 0.39 -10.85
C ILE D 107 7.07 1.70 -10.19
N LYS D 108 7.82 2.51 -10.94
CA LYS D 108 8.28 3.81 -10.49
C LYS D 108 7.59 4.88 -11.33
N GLU D 109 7.09 5.92 -10.65
CA GLU D 109 6.37 7.01 -11.30
C GLU D 109 5.14 6.46 -12.03
N GLY D 110 4.65 5.31 -11.57
CA GLY D 110 3.48 4.67 -12.18
C GLY D 110 3.75 4.14 -13.58
N OCS D 111 5.04 4.00 -13.93
CA OCS D 111 5.41 3.53 -15.26
CB OCS D 111 6.26 4.56 -15.99
SG OCS D 111 5.32 5.87 -16.71
C OCS D 111 6.19 2.22 -15.22
O OCS D 111 6.96 1.97 -14.30
OD1 OCS D 111 4.82 5.38 -17.95
OD2 OCS D 111 4.40 6.32 -15.70
OD3 OCS D 111 6.44 6.91 -16.98
N ILE D 112 5.96 1.41 -16.26
CA ILE D 112 6.65 0.16 -16.49
C ILE D 112 7.76 0.49 -17.49
N GLU D 113 9.02 0.28 -17.09
CA GLU D 113 10.14 0.58 -17.97
C GLU D 113 10.46 -0.64 -18.84
N VAL D 114 10.03 -0.59 -20.10
CA VAL D 114 10.29 -1.66 -21.05
C VAL D 114 11.74 -1.54 -21.52
N PRO D 115 12.61 -2.52 -21.19
CA PRO D 115 14.02 -2.44 -21.57
C PRO D 115 14.26 -2.41 -23.07
N GLY D 116 15.40 -1.86 -23.47
CA GLY D 116 15.77 -1.79 -24.87
C GLY D 116 15.93 -3.18 -25.46
N GLU D 117 15.39 -3.36 -26.67
CA GLU D 117 15.45 -4.60 -27.42
C GLU D 117 14.59 -5.68 -26.76
N PHE D 118 13.68 -5.27 -25.87
CA PHE D 118 12.81 -6.21 -25.20
C PHE D 118 11.76 -6.74 -26.17
N GLU D 119 11.57 -8.06 -26.15
CA GLU D 119 10.59 -8.75 -26.97
C GLU D 119 10.00 -9.87 -26.11
N GLY D 120 8.82 -9.64 -25.54
CA GLY D 120 8.25 -10.67 -24.70
C GLY D 120 6.83 -10.37 -24.22
N LYS D 121 6.59 -10.71 -22.95
CA LYS D 121 5.29 -10.60 -22.33
C LYS D 121 5.39 -9.78 -21.05
N ILE D 122 4.32 -9.04 -20.73
CA ILE D 122 4.26 -8.26 -19.51
C ILE D 122 3.03 -8.70 -18.72
N TYR D 123 3.27 -9.03 -17.44
CA TYR D 123 2.23 -9.51 -16.54
C TYR D 123 1.85 -8.42 -15.54
N VAL D 124 0.56 -8.06 -15.53
CA VAL D 124 0.04 -7.02 -14.66
C VAL D 124 -1.20 -7.56 -13.93
N ASN D 125 -1.17 -7.57 -12.60
CA ASN D 125 -2.32 -8.04 -11.83
C ASN D 125 -3.25 -6.84 -11.66
N PHE D 126 -4.56 -7.06 -11.77
CA PHE D 126 -5.51 -5.96 -11.67
C PHE D 126 -5.47 -5.24 -10.32
N ASN D 127 -4.91 -5.85 -9.27
CA ASN D 127 -4.91 -5.11 -8.01
C ASN D 127 -3.74 -4.12 -8.03
N SER D 128 -3.02 -4.06 -9.15
CA SER D 128 -1.91 -3.13 -9.29
C SER D 128 -2.45 -1.77 -9.76
N LEU D 129 -3.67 -1.79 -10.31
CA LEU D 129 -4.33 -0.59 -10.77
C LEU D 129 -5.06 0.04 -9.59
N ILE D 130 -4.94 1.36 -9.44
CA ILE D 130 -5.57 2.04 -8.32
C ILE D 130 -5.96 3.45 -8.73
N ASN D 131 -6.92 4.00 -7.99
CA ASN D 131 -7.35 5.37 -8.19
C ASN D 131 -6.71 6.18 -7.06
N GLU D 132 -5.88 7.16 -7.42
CA GLU D 132 -5.17 7.97 -6.45
C GLU D 132 -6.13 8.69 -5.50
N GLU D 133 -7.10 9.42 -6.08
CA GLU D 133 -8.05 10.21 -5.31
C GLU D 133 -8.86 9.37 -4.31
N SER D 134 -9.57 8.36 -4.80
CA SER D 134 -10.41 7.53 -3.93
C SER D 134 -9.57 6.51 -3.15
N ASN D 135 -8.36 6.22 -3.64
CA ASN D 135 -7.48 5.26 -2.99
C ASN D 135 -8.18 3.90 -2.97
N VAL D 136 -8.80 3.55 -4.11
CA VAL D 136 -9.53 2.29 -4.24
C VAL D 136 -8.87 1.44 -5.33
N VAL D 137 -8.65 0.16 -5.01
CA VAL D 137 -8.04 -0.80 -5.93
C VAL D 137 -9.12 -1.24 -6.91
N LEU D 138 -8.71 -1.47 -8.16
CA LEU D 138 -9.62 -1.83 -9.24
C LEU D 138 -10.41 -3.11 -8.97
N ASP D 139 -9.76 -4.12 -8.37
CA ASP D 139 -10.47 -5.38 -8.11
C ASP D 139 -10.90 -5.46 -6.65
N SER D 140 -11.09 -4.30 -6.00
CA SER D 140 -11.51 -4.27 -4.61
C SER D 140 -13.03 -4.41 -4.53
N ASN D 141 -13.50 -5.33 -3.68
CA ASN D 141 -14.92 -5.59 -3.50
C ASN D 141 -15.52 -4.53 -2.57
N MSE D 142 -16.73 -4.06 -2.92
CA MSE D 142 -17.41 -3.04 -2.14
C MSE D 142 -17.71 -3.55 -0.73
O MSE D 142 -17.51 -2.83 0.24
CB MSE D 142 -18.72 -2.61 -2.83
CG MSE D 142 -18.61 -2.34 -4.32
SE MSE D 142 -17.20 -1.05 -4.79
CE MSE D 142 -18.06 0.59 -4.15
N LEU D 143 -18.17 -4.80 -0.64
CA LEU D 143 -18.52 -5.45 0.62
C LEU D 143 -17.33 -5.50 1.59
N SER D 144 -16.11 -5.52 1.05
CA SER D 144 -14.91 -5.60 1.87
C SER D 144 -14.89 -4.55 2.98
N ASN D 145 -15.29 -3.31 2.66
CA ASN D 145 -15.29 -2.24 3.63
C ASN D 145 -16.64 -1.54 3.73
N ILE D 146 -17.49 -2.01 4.66
CA ILE D 146 -18.78 -1.39 4.91
C ILE D 146 -18.60 -0.49 6.12
N VAL D 147 -18.88 0.81 5.94
CA VAL D 147 -18.68 1.79 6.99
C VAL D 147 -20.00 2.30 7.55
N SER D 148 -21.14 1.88 6.97
CA SER D 148 -22.43 2.32 7.47
C SER D 148 -23.57 1.70 6.69
N TRP D 149 -24.67 1.44 7.39
CA TRP D 149 -25.89 0.94 6.79
C TRP D 149 -27.05 1.62 7.49
N GLY D 150 -28.21 1.65 6.83
CA GLY D 150 -29.37 2.28 7.44
C GLY D 150 -30.66 1.81 6.80
N ILE D 151 -31.77 2.15 7.46
CA ILE D 151 -33.09 1.79 6.98
C ILE D 151 -33.97 3.03 7.13
N THR D 152 -34.83 3.27 6.13
CA THR D 152 -35.71 4.43 6.18
C THR D 152 -37.15 3.95 6.24
N PHE D 153 -37.91 4.61 7.13
CA PHE D 153 -39.32 4.32 7.32
C PHE D 153 -40.12 5.53 6.86
N ILE D 154 -40.93 5.32 5.82
CA ILE D 154 -41.80 6.35 5.27
C ILE D 154 -43.23 5.95 5.63
N PRO D 155 -43.84 6.59 6.66
CA PRO D 155 -45.19 6.23 7.09
C PRO D 155 -46.28 6.49 6.05
N SER D 156 -47.44 5.86 6.28
CA SER D 156 -48.59 6.01 5.39
C SER D 156 -49.18 7.40 5.58
N ASP D 157 -50.31 7.66 4.91
CA ASP D 157 -50.99 8.95 5.04
C ASP D 157 -51.65 9.05 6.40
N GLU D 158 -51.79 7.91 7.10
CA GLU D 158 -52.42 7.90 8.42
C GLU D 158 -51.58 8.73 9.38
N GLU D 159 -52.25 9.31 10.37
CA GLU D 159 -51.61 10.19 11.34
C GLU D 159 -50.61 9.43 12.21
N HIS D 160 -51.03 8.30 12.80
CA HIS D 160 -50.15 7.56 13.68
C HIS D 160 -49.85 6.18 13.10
N ASN D 161 -48.56 5.91 12.81
CA ASN D 161 -48.14 4.64 12.26
C ASN D 161 -47.26 3.90 13.26
N ILE D 162 -47.28 2.56 13.18
CA ILE D 162 -46.53 1.70 14.08
C ILE D 162 -45.96 0.50 13.31
N VAL D 163 -44.68 0.20 13.58
CA VAL D 163 -44.00 -0.94 12.97
C VAL D 163 -43.18 -1.64 14.05
N ILE D 164 -42.95 -2.95 13.84
CA ILE D 164 -42.17 -3.76 14.76
C ILE D 164 -41.02 -4.39 13.98
N ILE D 165 -39.79 -3.95 14.27
CA ILE D 165 -38.62 -4.51 13.64
C ILE D 165 -38.04 -5.53 14.63
N LYS D 166 -38.28 -6.82 14.38
CA LYS D 166 -37.77 -7.85 15.27
C LYS D 166 -36.31 -8.16 14.98
N LYS D 167 -35.91 -8.13 13.71
CA LYS D 167 -34.56 -8.52 13.39
C LYS D 167 -34.18 -8.20 11.94
N ILE D 168 -32.93 -7.74 11.77
CA ILE D 168 -32.35 -7.46 10.47
C ILE D 168 -31.04 -8.25 10.43
N SER D 169 -30.96 -9.23 9.53
CA SER D 169 -29.78 -10.07 9.45
C SER D 169 -29.28 -10.23 8.02
N LEU D 170 -27.98 -10.55 7.92
CA LEU D 170 -27.31 -10.81 6.66
C LEU D 170 -27.24 -12.33 6.53
N LEU D 171 -27.72 -12.87 5.41
CA LEU D 171 -27.71 -14.31 5.21
C LEU D 171 -26.64 -14.70 4.20
N SER D 172 -26.21 -15.97 4.29
CA SER D 172 -25.22 -16.55 3.40
C SER D 172 -25.87 -17.70 2.65
N GLU D 173 -25.92 -17.59 1.31
CA GLU D 173 -26.54 -18.61 0.48
C GLU D 173 -25.63 -18.94 -0.70
CL CL E . 39.39 29.01 11.89
CL CL F . 14.78 22.59 8.03
CL CL G . 8.89 19.90 5.39
CL CL H . 40.45 24.86 21.56
C1 EDO I . -6.17 -35.76 0.32
O1 EDO I . -5.90 -36.99 0.95
C2 EDO I . -7.19 -34.94 1.03
O2 EDO I . -7.43 -33.69 0.42
CL CL J . 5.28 -26.28 -13.18
CL CL K . 20.93 -34.74 4.84
CL CL L . 21.25 -20.78 11.65
CL CL M . 5.52 -6.44 13.03
CL CL N . 2.31 -12.58 7.92
C1 GOL O . 27.45 -10.20 -8.91
O1 GOL O . 27.39 -11.35 -9.74
C2 GOL O . 26.46 -9.14 -9.36
O2 GOL O . 25.49 -9.71 -10.24
C3 GOL O . 27.11 -7.95 -10.03
O3 GOL O . 26.82 -6.73 -9.35
CL CL P . -49.88 -13.68 4.37
CL CL Q . -40.92 -8.92 21.50
CL CL R . -23.40 3.94 15.28
CL CL S . -26.49 6.10 -5.07
CL CL T . -45.87 -12.94 -6.92
CL CL U . 13.78 -9.75 -24.47
CL CL V . -2.01 6.62 -37.10
CL CL W . 17.28 -1.03 -21.58
CL CL X . -20.16 -6.86 -21.15
#